data_5YEQ
#
_entry.id   5YEQ
#
_cell.length_a   48.434
_cell.length_b   90.827
_cell.length_c   154.105
_cell.angle_alpha   90.00
_cell.angle_beta   90.00
_cell.angle_gamma   90.00
#
_symmetry.space_group_name_H-M   'P 21 21 21'
#
loop_
_entity.id
_entity.type
_entity.pdbx_description
1 polymer 'Ketol-acid reductoisomerase (NADP(+))'
2 non-polymer 'SULFATE ION'
3 non-polymer 'MAGNESIUM ION'
4 non-polymer 1,2-ETHANEDIOL
5 water water
#
_entity_poly.entity_id   1
_entity_poly.type   'polypeptide(L)'
_entity_poly.pdbx_seq_one_letter_code
;(MSE)AKIYTDKDVSLDVIKEKRVAVLGYGSQGRAWALNLRDSGIKVSVGLEREGNSWKQAENDGFKPLRTEEAVRNSDI
IIFLLPD(MSE)IQRTVYLERVKPYLKEG(MSE)DLVFAHGFNIHYRLIEPPSNVDVY(MSE)IAPKAPGPIVREYFAKG
GGVPALVATYQDHSGKALQKALAVAKAIGATRAGVIETTFKEETETDLFGEQVDLVGGV(MSE)QL(MSE)RYAFQTLVE
AGYQPEVAYFETINE(MSE)KLIVDLVYEKGFSG(MSE)LTAVSDTAKYGG(MSE)TVGK(MSE)VIDESVKER(MSE)K
KALDNIRSGKFAEKWVEEYGKGANTIKEG(MSE)KEVDNSTEEKVGRSLRDIILRGKPKSLEHHHHHH
;
_entity_poly.pdbx_strand_id   A,B
#
loop_
_chem_comp.id
_chem_comp.type
_chem_comp.name
_chem_comp.formula
EDO non-polymer 1,2-ETHANEDIOL 'C2 H6 O2'
MG non-polymer 'MAGNESIUM ION' 'Mg 2'
SO4 non-polymer 'SULFATE ION' 'O4 S -2'
#
# COMPACT_ATOMS: atom_id res chain seq x y z
N ALA A 2 19.59 12.15 -12.09
CA ALA A 2 20.44 12.70 -11.00
C ALA A 2 21.55 11.72 -10.73
N LYS A 3 22.64 12.22 -10.15
CA LYS A 3 23.73 11.38 -9.68
C LYS A 3 23.20 10.57 -8.52
N ILE A 4 23.43 9.27 -8.59
CA ILE A 4 23.12 8.40 -7.45
C ILE A 4 24.46 8.07 -6.82
N TYR A 5 24.58 8.24 -5.51
CA TYR A 5 25.85 7.91 -4.78
C TYR A 5 25.65 6.54 -4.15
N THR A 6 26.72 5.70 -4.20
CA THR A 6 26.76 4.36 -3.58
C THR A 6 28.03 4.27 -2.72
N ASP A 7 28.30 3.09 -2.17
CA ASP A 7 29.39 2.91 -1.22
C ASP A 7 30.73 3.41 -1.72
N LYS A 8 30.96 3.21 -3.03
CA LYS A 8 32.21 3.67 -3.66
C LYS A 8 32.43 5.18 -3.60
N ASP A 9 31.39 5.98 -3.31
CA ASP A 9 31.53 7.43 -3.37
C ASP A 9 31.97 8.14 -2.08
N VAL A 10 32.09 7.39 -0.99
CA VAL A 10 32.49 7.96 0.31
C VAL A 10 33.11 6.89 1.21
N SER A 11 34.10 7.33 1.96
CA SER A 11 34.71 6.54 3.01
C SER A 11 34.13 6.98 4.34
N LEU A 12 33.78 6.01 5.18
CA LEU A 12 33.45 6.32 6.58
C LEU A 12 34.51 7.11 7.32
N ASP A 13 35.74 7.10 6.80
CA ASP A 13 36.85 7.91 7.33
C ASP A 13 36.52 9.37 7.62
N VAL A 14 35.60 9.96 6.86
CA VAL A 14 35.21 11.34 7.05
C VAL A 14 34.55 11.60 8.42
N ILE A 15 33.89 10.58 8.97
CA ILE A 15 33.22 10.60 10.29
C ILE A 15 33.62 9.51 11.32
N LYS A 16 34.29 8.46 10.89
CA LYS A 16 34.80 7.41 11.80
C LYS A 16 35.33 7.85 13.18
N GLU A 17 36.04 9.00 13.21
CA GLU A 17 36.69 9.56 14.42
C GLU A 17 35.80 10.55 15.23
N LYS A 18 34.63 10.85 14.69
CA LYS A 18 33.73 11.85 15.29
C LYS A 18 32.78 11.15 16.26
N ARG A 19 32.43 11.85 17.33
CA ARG A 19 31.47 11.32 18.25
C ARG A 19 30.10 11.87 17.79
N VAL A 20 29.14 10.99 17.69
CA VAL A 20 27.77 11.32 17.29
C VAL A 20 26.79 11.28 18.48
N ALA A 21 26.00 12.34 18.64
CA ALA A 21 24.84 12.38 19.55
C ALA A 21 23.56 12.13 18.74
N VAL A 22 22.86 11.07 19.01
CA VAL A 22 21.55 10.92 18.43
C VAL A 22 20.52 11.46 19.45
N LEU A 23 19.83 12.53 19.07
CA LEU A 23 18.87 13.16 19.90
C LEU A 23 17.53 12.56 19.56
N GLY A 24 16.94 11.88 20.53
CA GLY A 24 15.76 11.12 20.31
C GLY A 24 15.98 9.63 20.09
N TYR A 25 15.03 8.83 20.55
CA TYR A 25 15.15 7.35 20.35
C TYR A 25 13.81 6.76 20.08
N GLY A 26 13.08 7.42 19.18
CA GLY A 26 11.90 6.82 18.52
C GLY A 26 12.30 5.86 17.46
N SER A 27 11.36 5.57 16.53
CA SER A 27 11.68 4.55 15.52
C SER A 27 12.84 4.97 14.65
N GLN A 28 12.99 6.27 14.32
CA GLN A 28 14.13 6.64 13.48
C GLN A 28 15.41 6.69 14.30
N GLY A 29 15.34 7.30 15.47
CA GLY A 29 16.52 7.47 16.36
C GLY A 29 17.13 6.15 16.72
N ARG A 30 16.25 5.19 17.04
CA ARG A 30 16.66 3.81 17.24
C ARG A 30 17.39 3.18 16.12
N ALA A 31 16.76 3.24 14.90
CA ALA A 31 17.46 2.69 13.75
C ALA A 31 18.76 3.27 13.48
N TRP A 32 18.87 4.61 13.47
CA TRP A 32 20.09 5.23 13.13
C TRP A 32 21.14 4.91 14.19
N ALA A 33 20.74 4.92 15.46
CA ALA A 33 21.75 4.67 16.52
C ALA A 33 22.37 3.23 16.44
N LEU A 34 21.48 2.28 16.28
CA LEU A 34 21.83 0.89 16.03
C LEU A 34 22.75 0.68 14.81
N ASN A 35 22.42 1.33 13.66
CA ASN A 35 23.31 1.22 12.51
C ASN A 35 24.63 1.88 12.61
N LEU A 36 24.66 3.10 13.18
CA LEU A 36 25.88 3.84 13.33
C LEU A 36 26.90 3.11 14.20
N ARG A 37 26.41 2.63 15.33
CA ARG A 37 27.25 1.88 16.25
C ARG A 37 27.81 0.61 15.59
N ASP A 38 26.98 -0.13 14.90
CA ASP A 38 27.48 -1.28 14.02
C ASP A 38 28.53 -0.89 12.99
N SER A 39 28.44 0.32 12.44
CA SER A 39 29.45 0.78 11.51
C SER A 39 30.67 1.30 12.25
N GLY A 40 30.72 1.19 13.58
CA GLY A 40 31.87 1.56 14.37
C GLY A 40 31.99 3.02 14.69
N ILE A 41 30.84 3.72 14.68
CA ILE A 41 30.76 5.15 14.98
C ILE A 41 30.41 5.24 16.46
N LYS A 42 31.05 6.18 17.14
CA LYS A 42 30.81 6.38 18.55
C LYS A 42 29.45 7.13 18.60
N VAL A 43 28.46 6.47 19.23
CA VAL A 43 27.09 7.01 19.44
C VAL A 43 26.73 7.24 20.93
N SER A 44 26.19 8.39 21.23
CA SER A 44 25.57 8.71 22.54
C SER A 44 24.12 9.08 22.25
N VAL A 45 23.20 8.49 22.98
CA VAL A 45 21.78 8.84 22.88
C VAL A 45 21.48 9.93 23.88
N GLY A 46 20.97 11.06 23.41
CA GLY A 46 20.54 12.14 24.26
C GLY A 46 19.08 12.38 24.28
N LEU A 47 18.54 12.50 25.49
CA LEU A 47 17.12 12.49 25.70
C LEU A 47 16.66 13.49 26.81
N GLU A 48 15.46 14.03 26.66
CA GLU A 48 15.00 15.05 27.60
C GLU A 48 14.41 14.42 28.87
N ARG A 49 13.87 13.24 28.74
CA ARG A 49 13.26 12.55 29.90
C ARG A 49 13.70 11.11 30.01
N GLU A 50 13.53 10.58 31.23
CA GLU A 50 13.78 9.18 31.50
C GLU A 50 12.49 8.40 31.46
N GLY A 51 11.96 8.25 30.26
CA GLY A 51 10.74 7.50 30.01
C GLY A 51 10.94 6.34 29.12
N ASN A 52 9.97 6.05 28.25
CA ASN A 52 10.04 4.82 27.48
C ASN A 52 11.20 4.73 26.47
N SER A 53 11.50 5.86 25.82
CA SER A 53 12.61 5.91 24.83
C SER A 53 13.92 5.56 25.57
N TRP A 54 14.03 6.18 26.71
CA TRP A 54 15.21 6.05 27.60
C TRP A 54 15.37 4.57 27.95
N LYS A 55 14.29 3.92 28.37
CA LYS A 55 14.34 2.48 28.68
C LYS A 55 14.66 1.62 27.48
N GLN A 56 14.11 1.98 26.31
CA GLN A 56 14.43 1.19 25.17
C GLN A 56 15.87 1.33 24.79
N ALA A 57 16.46 2.51 24.98
CA ALA A 57 17.84 2.69 24.62
C ALA A 57 18.71 1.82 25.53
N GLU A 58 18.34 1.83 26.80
CA GLU A 58 19.01 0.95 27.78
C GLU A 58 18.92 -0.54 27.43
N ASN A 59 17.78 -0.95 26.95
CA ASN A 59 17.58 -2.30 26.42
C ASN A 59 18.48 -2.68 25.27
N ASP A 60 18.88 -1.68 24.50
CA ASP A 60 19.73 -1.84 23.37
C ASP A 60 21.15 -1.64 23.68
N GLY A 61 21.47 -1.49 25.00
CA GLY A 61 22.83 -1.38 25.42
C GLY A 61 23.41 -0.04 25.43
N PHE A 62 22.59 0.99 25.22
CA PHE A 62 23.07 2.36 25.35
C PHE A 62 22.83 2.85 26.77
N LYS A 63 23.82 3.60 27.29
CA LYS A 63 23.56 4.38 28.50
C LYS A 63 23.14 5.80 28.09
N PRO A 64 21.88 6.09 28.18
CA PRO A 64 21.52 7.38 27.63
C PRO A 64 21.93 8.51 28.53
N LEU A 65 22.01 9.70 27.95
CA LEU A 65 22.45 10.92 28.64
C LEU A 65 21.30 11.94 28.48
N ARG A 66 21.17 12.86 29.42
CA ARG A 66 20.43 14.10 29.16
C ARG A 66 20.95 14.77 27.90
N THR A 67 20.03 15.38 27.16
CA THR A 67 20.40 15.99 25.88
C THR A 67 21.69 16.84 25.90
N GLU A 68 21.77 17.79 26.83
CA GLU A 68 22.93 18.70 26.86
C GLU A 68 24.22 17.98 27.15
N GLU A 69 24.12 16.87 27.90
CA GLU A 69 25.33 16.09 28.16
C GLU A 69 25.79 15.29 26.90
N ALA A 70 24.84 14.75 26.17
CA ALA A 70 25.19 14.18 24.87
C ALA A 70 25.82 15.19 23.92
N VAL A 71 25.29 16.41 23.84
CA VAL A 71 25.81 17.46 23.00
C VAL A 71 27.23 17.88 23.39
N ARG A 72 27.47 18.18 24.67
CA ARG A 72 28.79 18.62 25.12
C ARG A 72 29.85 17.58 24.85
N ASN A 73 29.45 16.32 24.79
CA ASN A 73 30.38 15.22 24.54
C ASN A 73 30.43 14.72 23.11
N SER A 74 29.91 15.50 22.17
CA SER A 74 29.81 15.04 20.79
C SER A 74 30.25 16.08 19.78
N ASP A 75 30.60 15.59 18.60
CA ASP A 75 30.94 16.44 17.44
C ASP A 75 29.79 16.65 16.41
N ILE A 76 28.96 15.63 16.25
CA ILE A 76 27.89 15.60 15.21
C ILE A 76 26.57 15.39 15.97
N ILE A 77 25.68 16.33 15.88
CA ILE A 77 24.41 16.34 16.62
C ILE A 77 23.30 15.98 15.65
N ILE A 78 22.62 14.84 15.86
CA ILE A 78 21.58 14.42 14.92
C ILE A 78 20.25 14.63 15.60
N PHE A 79 19.42 15.47 14.99
CA PHE A 79 18.03 15.73 15.49
C PHE A 79 17.01 14.73 15.02
N LEU A 80 16.74 13.68 15.81
CA LEU A 80 15.78 12.69 15.42
C LEU A 80 14.58 12.76 16.38
N LEU A 81 14.09 13.97 16.52
CA LEU A 81 12.99 14.37 17.42
C LEU A 81 11.85 14.93 16.58
N PRO A 82 10.64 14.86 17.10
CA PRO A 82 9.53 15.51 16.43
C PRO A 82 9.85 16.97 15.98
N ASP A 83 9.46 17.35 14.76
CA ASP A 83 9.79 18.63 14.19
C ASP A 83 9.39 19.81 15.09
N MSE A 84 8.18 19.77 15.65
CA MSE A 84 7.68 20.90 16.41
C MSE A 84 8.36 21.07 17.75
O MSE A 84 8.18 22.12 18.38
CB MSE A 84 6.17 20.75 16.68
CG MSE A 84 5.38 20.65 15.35
SE MSE A 84 6.05 21.92 13.94
CE MSE A 84 5.10 23.20 14.92
N ILE A 85 9.11 20.07 18.23
CA ILE A 85 9.86 20.29 19.53
C ILE A 85 11.32 20.65 19.34
N GLN A 86 11.83 20.54 18.11
CA GLN A 86 13.23 20.78 17.81
C GLN A 86 13.69 22.15 18.20
N ARG A 87 12.88 23.19 17.95
CA ARG A 87 13.35 24.56 18.22
C ARG A 87 13.68 24.75 19.70
N THR A 88 12.80 24.26 20.56
CA THR A 88 13.02 24.51 22.00
C THR A 88 14.16 23.65 22.53
N VAL A 89 14.28 22.40 22.03
CA VAL A 89 15.42 21.57 22.41
C VAL A 89 16.71 22.23 21.93
N TYR A 90 16.69 22.79 20.71
CA TYR A 90 17.87 23.42 20.22
C TYR A 90 18.25 24.60 21.10
N LEU A 91 17.33 25.52 21.36
CA LEU A 91 17.71 26.75 22.11
C LEU A 91 18.23 26.41 23.51
N GLU A 92 17.56 25.47 24.13
CA GLU A 92 17.83 25.12 25.53
C GLU A 92 18.99 24.17 25.73
N ARG A 93 19.15 23.17 24.84
CA ARG A 93 20.09 22.07 25.08
C ARG A 93 21.21 21.91 24.09
N VAL A 94 21.20 22.61 22.98
CA VAL A 94 22.25 22.43 21.96
C VAL A 94 23.01 23.72 21.75
N LYS A 95 22.29 24.81 21.40
CA LYS A 95 22.89 26.09 21.02
C LYS A 95 23.91 26.62 22.04
N PRO A 96 23.59 26.50 23.36
CA PRO A 96 24.64 26.93 24.34
C PRO A 96 25.98 26.23 24.31
N TYR A 97 26.06 25.03 23.73
CA TYR A 97 27.20 24.21 23.76
C TYR A 97 27.83 24.05 22.43
N LEU A 98 27.36 24.77 21.42
CA LEU A 98 27.96 24.65 20.08
C LEU A 98 29.30 25.36 19.99
N LYS A 99 30.16 24.75 19.19
CA LYS A 99 31.51 25.22 18.98
C LYS A 99 31.80 25.05 17.51
N GLU A 100 32.74 25.84 17.05
CA GLU A 100 33.26 25.74 15.71
C GLU A 100 33.58 24.27 15.33
N GLY A 101 33.13 23.93 14.12
CA GLY A 101 33.43 22.66 13.50
C GLY A 101 32.46 21.54 13.81
N MSE A 102 31.51 21.74 14.72
CA MSE A 102 30.46 20.75 15.00
C MSE A 102 29.49 20.75 13.87
O MSE A 102 29.48 21.66 13.04
CB MSE A 102 29.70 21.09 16.29
CG MSE A 102 30.69 20.87 17.44
SE MSE A 102 29.93 21.24 19.23
CE MSE A 102 28.43 19.95 19.15
N ASP A 103 28.73 19.68 13.80
CA ASP A 103 27.73 19.47 12.71
C ASP A 103 26.33 19.39 13.33
N LEU A 104 25.35 19.98 12.65
CA LEU A 104 23.96 19.91 13.03
C LEU A 104 23.31 19.09 11.87
N VAL A 105 22.68 17.95 12.19
CA VAL A 105 22.25 17.02 11.17
C VAL A 105 20.77 16.70 11.40
N PHE A 106 20.02 16.71 10.31
CA PHE A 106 18.55 16.64 10.33
C PHE A 106 18.13 15.47 9.45
N ALA A 107 16.98 14.90 9.77
CA ALA A 107 16.28 13.98 8.87
C ALA A 107 15.19 14.64 8.01
N HIS A 108 14.81 15.91 8.22
CA HIS A 108 13.70 16.61 7.53
C HIS A 108 14.26 18.03 7.50
N GLY A 109 13.94 18.75 6.47
CA GLY A 109 14.37 20.15 6.27
C GLY A 109 13.60 21.21 6.96
N PHE A 110 12.44 20.88 7.55
CA PHE A 110 11.47 21.85 8.02
C PHE A 110 12.01 22.98 8.93
N ASN A 111 12.68 22.59 10.03
CA ASN A 111 13.09 23.54 11.02
C ASN A 111 14.18 24.51 10.43
N ILE A 112 15.14 24.02 9.62
CA ILE A 112 16.17 24.86 9.03
C ILE A 112 15.55 25.72 7.91
N HIS A 113 14.80 25.09 7.05
CA HIS A 113 14.16 25.82 6.00
C HIS A 113 13.26 26.96 6.46
N TYR A 114 12.42 26.78 7.49
CA TYR A 114 11.54 27.79 7.95
C TYR A 114 12.11 28.71 9.06
N ARG A 115 13.42 28.60 9.26
CA ARG A 115 14.07 29.46 10.30
C ARG A 115 13.62 29.26 11.70
N LEU A 116 13.08 28.11 12.01
CA LEU A 116 12.79 27.84 13.37
C LEU A 116 14.07 27.54 14.17
N ILE A 117 15.06 26.97 13.49
CA ILE A 117 16.42 26.84 14.07
C ILE A 117 17.29 27.63 13.15
N GLU A 118 18.01 28.62 13.71
CA GLU A 118 18.90 29.43 12.93
C GLU A 118 20.30 29.14 13.46
N PRO A 119 21.04 28.33 12.74
CA PRO A 119 22.30 27.85 13.22
C PRO A 119 23.36 28.95 13.21
N PRO A 120 24.40 28.81 14.02
CA PRO A 120 25.46 29.83 13.97
C PRO A 120 26.28 29.63 12.69
N SER A 121 27.13 30.59 12.33
CA SER A 121 27.81 30.48 11.07
C SER A 121 29.00 29.50 11.03
N ASN A 122 29.40 28.96 12.18
CA ASN A 122 30.63 28.20 12.25
C ASN A 122 30.45 26.68 12.34
N VAL A 123 29.26 26.16 12.00
CA VAL A 123 28.99 24.75 12.03
C VAL A 123 28.50 24.33 10.57
N ASP A 124 28.73 23.09 10.24
CA ASP A 124 28.08 22.46 9.10
C ASP A 124 26.62 22.12 9.45
N VAL A 125 25.76 22.18 8.43
CA VAL A 125 24.33 21.86 8.61
C VAL A 125 23.97 20.98 7.40
N TYR A 126 23.49 19.75 7.63
CA TYR A 126 23.16 18.85 6.54
C TYR A 126 22.08 17.89 6.95
N MSE A 127 21.64 17.09 5.98
CA MSE A 127 20.43 16.27 6.15
C MSE A 127 20.60 14.95 5.49
O MSE A 127 21.24 14.83 4.46
CB MSE A 127 19.21 16.95 5.49
CG MSE A 127 17.90 16.21 5.74
SE MSE A 127 16.70 17.17 4.39
CE MSE A 127 17.27 16.07 2.85
N ILE A 128 20.04 13.90 6.10
CA ILE A 128 19.94 12.56 5.49
C ILE A 128 18.49 12.13 5.75
N ALA A 129 17.74 11.79 4.70
CA ALA A 129 16.27 11.57 4.83
C ALA A 129 15.97 10.22 4.20
N PRO A 130 16.07 9.13 5.00
CA PRO A 130 15.86 7.78 4.43
C PRO A 130 14.43 7.61 4.02
N LYS A 131 14.25 6.78 3.00
CA LYS A 131 12.97 6.55 2.33
C LYS A 131 12.39 5.18 2.68
N ALA A 132 12.25 4.94 3.99
CA ALA A 132 11.60 3.74 4.61
C ALA A 132 11.43 3.90 6.14
N PRO A 133 10.48 3.17 6.77
CA PRO A 133 10.30 3.24 8.24
C PRO A 133 11.58 2.84 8.96
N GLY A 134 11.73 3.30 10.19
CA GLY A 134 12.89 2.96 11.03
C GLY A 134 13.20 1.46 11.06
N PRO A 135 12.15 0.63 11.32
CA PRO A 135 12.43 -0.83 11.42
C PRO A 135 13.16 -1.43 10.21
N ILE A 136 12.80 -0.90 9.04
CA ILE A 136 13.39 -1.30 7.79
C ILE A 136 14.77 -0.79 7.63
N VAL A 137 14.98 0.49 7.96
CA VAL A 137 16.34 1.02 7.98
C VAL A 137 17.28 0.12 8.71
N ARG A 138 16.77 -0.32 9.86
CA ARG A 138 17.50 -1.19 10.74
C ARG A 138 17.65 -2.62 10.13
N GLU A 139 16.52 -3.25 9.88
CA GLU A 139 16.50 -4.61 9.26
C GLU A 139 17.40 -4.81 8.00
N TYR A 140 17.30 -3.91 7.02
CA TYR A 140 18.08 -4.08 5.80
C TYR A 140 19.53 -3.96 6.12
N PHE A 141 19.90 -2.96 6.92
CA PHE A 141 21.28 -2.72 7.28
C PHE A 141 21.85 -4.00 7.89
N ALA A 142 21.05 -4.59 8.77
CA ALA A 142 21.55 -5.64 9.71
C ALA A 142 21.71 -6.96 8.92
N LYS A 143 20.90 -7.02 7.85
CA LYS A 143 20.94 -8.06 6.82
C LYS A 143 21.95 -7.84 5.68
N GLY A 144 22.79 -6.81 5.75
CA GLY A 144 23.78 -6.48 4.72
C GLY A 144 23.33 -5.64 3.51
N GLY A 145 22.07 -5.22 3.47
CA GLY A 145 21.62 -4.21 2.53
C GLY A 145 21.39 -2.84 3.18
N GLY A 146 20.43 -2.11 2.65
CA GLY A 146 20.19 -0.77 3.13
C GLY A 146 19.06 -0.16 2.34
N VAL A 147 18.60 0.99 2.81
CA VAL A 147 17.42 1.68 2.26
C VAL A 147 17.87 2.99 1.60
N PRO A 148 17.25 3.37 0.46
CA PRO A 148 17.77 4.59 -0.18
C PRO A 148 17.46 5.86 0.64
N ALA A 149 18.19 6.93 0.40
CA ALA A 149 17.83 8.16 1.09
C ALA A 149 18.12 9.35 0.25
N LEU A 150 17.58 10.51 0.65
CA LEU A 150 18.03 11.78 0.13
C LEU A 150 19.03 12.48 1.06
N VAL A 151 20.02 13.19 0.50
CA VAL A 151 20.94 14.04 1.29
C VAL A 151 20.88 15.45 0.87
N ALA A 152 21.19 16.39 1.77
CA ALA A 152 21.26 17.82 1.38
C ALA A 152 22.22 18.55 2.34
N THR A 153 22.81 19.65 1.81
CA THR A 153 23.65 20.54 2.62
C THR A 153 22.99 21.87 2.65
N TYR A 154 22.94 22.45 3.85
CA TYR A 154 22.41 23.79 4.03
C TYR A 154 23.51 24.82 4.25
N GLN A 155 24.51 24.45 5.03
CA GLN A 155 25.56 25.40 5.36
C GLN A 155 26.80 24.59 5.37
N ASP A 156 27.68 24.84 4.40
CA ASP A 156 28.89 24.08 4.26
C ASP A 156 30.08 24.93 4.76
N HIS A 157 30.22 25.00 6.07
CA HIS A 157 31.32 25.78 6.69
C HIS A 157 32.66 25.09 6.48
N SER A 158 32.67 23.77 6.57
CA SER A 158 33.91 22.97 6.41
C SER A 158 34.38 22.74 4.96
N GLY A 159 33.51 22.96 3.97
CA GLY A 159 33.77 22.50 2.58
C GLY A 159 33.64 21.02 2.27
N LYS A 160 33.24 20.26 3.30
CA LYS A 160 33.10 18.81 3.27
C LYS A 160 31.71 18.35 3.70
N ALA A 161 30.74 19.27 3.78
CA ALA A 161 29.37 18.90 4.31
C ALA A 161 28.73 17.79 3.46
N LEU A 162 28.82 17.83 2.14
CA LEU A 162 28.24 16.72 1.35
C LEU A 162 28.89 15.35 1.58
N GLN A 163 30.22 15.34 1.63
CA GLN A 163 30.97 14.13 2.03
C GLN A 163 30.51 13.57 3.38
N LYS A 164 30.32 14.46 4.36
CA LYS A 164 29.89 14.07 5.74
C LYS A 164 28.44 13.53 5.72
N ALA A 165 27.55 14.20 4.96
CA ALA A 165 26.18 13.67 4.76
C ALA A 165 26.18 12.30 4.16
N LEU A 166 26.95 12.11 3.09
CA LEU A 166 27.01 10.80 2.47
C LEU A 166 27.63 9.70 3.36
N ALA A 167 28.57 10.13 4.18
CA ALA A 167 29.24 9.27 5.15
C ALA A 167 28.27 8.78 6.20
N VAL A 168 27.41 9.69 6.69
CA VAL A 168 26.35 9.29 7.62
C VAL A 168 25.37 8.36 6.91
N ALA A 169 25.00 8.67 5.65
CA ALA A 169 24.12 7.83 4.92
C ALA A 169 24.79 6.46 4.72
N LYS A 170 26.07 6.47 4.37
CA LYS A 170 26.82 5.16 4.24
C LYS A 170 26.77 4.40 5.57
N ALA A 171 27.01 5.11 6.67
CA ALA A 171 26.98 4.48 8.00
C ALA A 171 25.61 3.89 8.43
N ILE A 172 24.48 4.35 7.88
CA ILE A 172 23.19 3.74 8.14
C ILE A 172 22.75 2.86 6.99
N GLY A 173 23.68 2.61 6.07
CA GLY A 173 23.45 1.66 5.00
C GLY A 173 22.84 2.23 3.74
N ALA A 174 22.56 3.55 3.67
CA ALA A 174 21.73 4.04 2.53
C ALA A 174 22.40 3.92 1.17
N THR A 175 23.74 4.00 1.17
CA THR A 175 24.53 4.00 -0.03
C THR A 175 24.66 2.56 -0.60
N ARG A 176 24.23 1.58 0.18
CA ARG A 176 24.08 0.24 -0.35
C ARG A 176 22.98 0.19 -1.40
N ALA A 177 21.96 1.04 -1.23
CA ALA A 177 20.85 1.13 -2.19
C ALA A 177 21.25 2.27 -3.12
N GLY A 178 21.13 3.49 -2.61
CA GLY A 178 21.53 4.65 -3.36
C GLY A 178 21.01 5.91 -2.71
N VAL A 179 21.75 6.97 -2.90
CA VAL A 179 21.43 8.25 -2.34
C VAL A 179 21.43 9.35 -3.43
N ILE A 180 20.41 10.21 -3.39
CA ILE A 180 20.28 11.36 -4.29
C ILE A 180 20.40 12.63 -3.52
N GLU A 181 21.08 13.61 -4.07
CA GLU A 181 21.16 14.91 -3.42
C GLU A 181 19.95 15.73 -3.74
N THR A 182 19.45 16.47 -2.74
CA THR A 182 18.37 17.46 -2.94
C THR A 182 18.77 18.75 -2.18
N THR A 183 17.82 19.59 -1.82
CA THR A 183 18.06 20.75 -1.00
C THR A 183 17.14 20.70 0.18
N PHE A 184 17.40 21.52 1.21
CA PHE A 184 16.50 21.61 2.33
C PHE A 184 15.14 22.10 1.90
N LYS A 185 15.11 23.09 0.98
CA LYS A 185 13.82 23.64 0.48
C LYS A 185 13.01 22.55 -0.27
N GLU A 186 13.67 21.88 -1.19
CA GLU A 186 13.01 20.86 -2.01
C GLU A 186 12.51 19.72 -1.15
N GLU A 187 13.33 19.24 -0.23
CA GLU A 187 12.86 18.18 0.63
C GLU A 187 11.63 18.57 1.46
N THR A 188 11.67 19.79 2.03
CA THR A 188 10.63 20.30 2.86
C THR A 188 9.33 20.45 2.10
N GLU A 189 9.42 21.12 0.95
CA GLU A 189 8.20 21.47 0.22
C GLU A 189 7.54 20.20 -0.36
N THR A 190 8.35 19.30 -0.85
CA THR A 190 7.83 18.09 -1.49
C THR A 190 7.27 17.12 -0.43
N ASP A 191 7.91 17.02 0.75
CA ASP A 191 7.40 16.19 1.86
C ASP A 191 6.03 16.75 2.35
N LEU A 192 5.92 18.09 2.58
CA LEU A 192 4.67 18.71 2.98
C LEU A 192 3.59 18.41 1.94
N PHE A 193 3.94 18.63 0.68
CA PHE A 193 2.97 18.44 -0.45
C PHE A 193 2.45 16.99 -0.49
N GLY A 194 3.34 16.03 -0.48
CA GLY A 194 2.93 14.60 -0.52
C GLY A 194 2.02 14.22 0.61
N GLU A 195 2.37 14.62 1.84
CA GLU A 195 1.51 14.34 3.03
C GLU A 195 0.13 14.93 2.90
N GLN A 196 0.06 16.17 2.41
CA GLN A 196 -1.16 16.88 2.34
C GLN A 196 -2.14 16.34 1.26
N VAL A 197 -1.66 16.16 0.06
CA VAL A 197 -2.62 15.90 -0.99
C VAL A 197 -2.74 14.46 -1.42
N ASP A 198 -1.91 13.58 -0.89
CA ASP A 198 -1.68 12.29 -1.52
C ASP A 198 -1.54 11.18 -0.50
N LEU A 199 -0.38 11.12 0.12
CA LEU A 199 -0.06 10.09 1.03
C LEU A 199 -0.89 9.96 2.29
N VAL A 200 -1.25 11.08 2.95
CA VAL A 200 -2.07 11.10 4.08
C VAL A 200 -3.40 11.73 3.77
N GLY A 201 -3.44 13.02 3.51
CA GLY A 201 -4.73 13.64 3.34
C GLY A 201 -5.62 13.08 2.23
N GLY A 202 -5.00 12.99 1.07
CA GLY A 202 -5.67 12.57 -0.20
C GLY A 202 -6.22 11.15 -0.20
N VAL A 203 -5.37 10.21 0.07
CA VAL A 203 -5.76 8.84 0.04
C VAL A 203 -6.71 8.47 1.14
N MSE A 204 -6.56 9.02 2.34
CA MSE A 204 -7.49 8.72 3.43
C MSE A 204 -8.86 9.22 3.10
O MSE A 204 -9.81 8.50 3.31
CB MSE A 204 -6.96 9.31 4.81
CG MSE A 204 -8.00 9.12 5.82
SE MSE A 204 -7.11 9.64 7.58
CE MSE A 204 -6.45 11.42 7.10
N GLN A 205 -9.01 10.44 2.50
CA GLN A 205 -10.30 10.99 2.21
C GLN A 205 -10.88 10.13 1.09
N LEU A 206 -10.06 9.76 0.13
CA LEU A 206 -10.47 8.89 -1.01
C LEU A 206 -11.06 7.53 -0.54
N MSE A 207 -10.35 6.85 0.32
CA MSE A 207 -10.79 5.55 0.88
C MSE A 207 -11.96 5.74 1.77
O MSE A 207 -12.91 4.99 1.65
CB MSE A 207 -9.65 4.89 1.65
CG MSE A 207 -8.62 4.48 0.69
SE MSE A 207 -7.29 3.28 1.62
CE MSE A 207 -6.24 4.69 2.01
N ARG A 208 -11.99 6.75 2.65
CA ARG A 208 -13.16 6.89 3.51
C ARG A 208 -14.40 7.23 2.78
N TYR A 209 -14.29 8.11 1.77
CA TYR A 209 -15.43 8.46 1.05
C TYR A 209 -16.01 7.25 0.27
N ALA A 210 -15.14 6.43 -0.27
CA ALA A 210 -15.62 5.25 -1.00
C ALA A 210 -16.31 4.25 -0.04
N PHE A 211 -15.71 4.03 1.11
CA PHE A 211 -16.36 3.23 2.17
C PHE A 211 -17.71 3.77 2.52
N GLN A 212 -17.78 5.07 2.78
CA GLN A 212 -19.04 5.72 3.20
C GLN A 212 -20.09 5.61 2.14
N THR A 213 -19.70 5.73 0.84
CA THR A 213 -20.63 5.64 -0.23
C THR A 213 -21.29 4.24 -0.22
N LEU A 214 -20.49 3.21 0.01
CA LEU A 214 -21.03 1.85 -0.08
C LEU A 214 -21.97 1.62 1.11
N VAL A 215 -21.50 2.05 2.27
CA VAL A 215 -22.29 1.84 3.54
C VAL A 215 -23.62 2.57 3.43
N GLU A 216 -23.60 3.81 3.01
CA GLU A 216 -24.82 4.58 2.77
C GLU A 216 -25.77 3.95 1.79
N ALA A 217 -25.29 3.21 0.79
CA ALA A 217 -26.11 2.53 -0.16
C ALA A 217 -26.70 1.20 0.36
N GLY A 218 -26.24 0.76 1.51
CA GLY A 218 -26.84 -0.37 2.17
C GLY A 218 -26.05 -1.67 2.05
N TYR A 219 -24.82 -1.59 1.50
CA TYR A 219 -23.97 -2.74 1.52
C TYR A 219 -23.40 -3.10 2.88
N GLN A 220 -23.10 -4.36 3.10
CA GLN A 220 -22.52 -4.80 4.37
C GLN A 220 -21.22 -4.06 4.67
N PRO A 221 -21.10 -3.47 5.88
CA PRO A 221 -19.89 -2.68 6.12
C PRO A 221 -18.64 -3.46 6.03
N GLU A 222 -18.67 -4.74 6.39
CA GLU A 222 -17.49 -5.54 6.34
C GLU A 222 -17.00 -5.72 4.85
N VAL A 223 -17.99 -5.95 3.99
CA VAL A 223 -17.70 -6.11 2.55
C VAL A 223 -17.10 -4.79 2.05
N ALA A 224 -17.74 -3.72 2.43
CA ALA A 224 -17.26 -2.38 2.02
C ALA A 224 -15.84 -2.12 2.47
N TYR A 225 -15.49 -2.54 3.69
CA TYR A 225 -14.18 -2.31 4.17
C TYR A 225 -13.11 -3.06 3.42
N PHE A 226 -13.34 -4.35 3.12
CA PHE A 226 -12.44 -5.14 2.34
C PHE A 226 -12.20 -4.47 0.99
N GLU A 227 -13.30 -4.04 0.36
CA GLU A 227 -13.19 -3.57 -0.99
C GLU A 227 -12.63 -2.16 -1.16
N THR A 228 -12.69 -1.30 -0.14
CA THR A 228 -12.30 0.07 -0.34
C THR A 228 -11.11 0.45 0.47
N ILE A 229 -10.71 -0.36 1.47
CA ILE A 229 -9.61 0.02 2.38
C ILE A 229 -8.63 -1.09 2.43
N ASN A 230 -9.08 -2.24 2.87
CA ASN A 230 -8.13 -3.31 3.02
C ASN A 230 -7.34 -3.78 1.77
N GLU A 231 -7.99 -3.86 0.59
CA GLU A 231 -7.41 -4.27 -0.66
C GLU A 231 -6.50 -3.24 -1.23
N MSE A 232 -6.40 -2.02 -0.67
CA MSE A 232 -5.48 -1.01 -1.19
C MSE A 232 -4.11 -1.53 -1.11
O MSE A 232 -3.26 -1.25 -1.99
CB MSE A 232 -5.69 0.33 -0.51
CG MSE A 232 -4.82 1.51 -0.86
SE MSE A 232 -5.30 1.91 -2.80
CE MSE A 232 -6.78 3.13 -2.37
N LYS A 233 -3.79 -2.23 0.00
CA LYS A 233 -2.43 -2.76 0.10
C LYS A 233 -1.98 -3.63 -1.10
N LEU A 234 -2.88 -4.43 -1.68
CA LEU A 234 -2.58 -5.26 -2.79
C LEU A 234 -2.15 -4.44 -4.03
N ILE A 235 -2.90 -3.38 -4.30
CA ILE A 235 -2.57 -2.49 -5.42
C ILE A 235 -1.27 -1.70 -5.19
N VAL A 236 -1.09 -1.13 -4.00
CA VAL A 236 0.00 -0.24 -3.73
C VAL A 236 1.27 -1.09 -3.70
N ASP A 237 1.20 -2.30 -3.13
CA ASP A 237 2.29 -3.25 -3.19
C ASP A 237 2.69 -3.54 -4.62
N LEU A 238 1.74 -3.76 -5.51
CA LEU A 238 2.06 -3.96 -6.87
C LEU A 238 2.76 -2.74 -7.54
N VAL A 239 2.27 -1.54 -7.23
CA VAL A 239 2.89 -0.33 -7.78
C VAL A 239 4.35 -0.19 -7.26
N TYR A 240 4.49 -0.47 -5.98
CA TYR A 240 5.76 -0.39 -5.30
C TYR A 240 6.78 -1.34 -5.95
N GLU A 241 6.34 -2.53 -6.28
CA GLU A 241 7.21 -3.62 -6.76
C GLU A 241 7.42 -3.54 -8.26
N LYS A 242 6.39 -3.15 -9.02
CA LYS A 242 6.40 -3.26 -10.52
C LYS A 242 5.90 -2.04 -11.31
N GLY A 243 5.64 -0.94 -10.62
CA GLY A 243 5.14 0.30 -11.22
C GLY A 243 3.66 0.24 -11.67
N PHE A 244 3.17 1.33 -12.26
CA PHE A 244 1.78 1.34 -12.68
C PHE A 244 1.51 0.37 -13.80
N SER A 245 2.46 0.19 -14.72
CA SER A 245 2.22 -0.76 -15.79
C SER A 245 2.11 -2.16 -15.25
N GLY A 246 2.96 -2.51 -14.30
CA GLY A 246 2.86 -3.85 -13.71
C GLY A 246 1.62 -4.09 -12.88
N MSE A 247 1.16 -3.07 -12.18
CA MSE A 247 -0.04 -3.22 -11.43
C MSE A 247 -1.16 -3.45 -12.41
O MSE A 247 -2.02 -4.27 -12.16
CB MSE A 247 -0.26 -1.93 -10.59
CG MSE A 247 -1.51 -2.07 -9.75
SE MSE A 247 -3.11 -1.38 -10.68
CE MSE A 247 -2.60 0.53 -10.63
N LEU A 248 -1.23 -2.65 -13.49
CA LEU A 248 -2.34 -2.75 -14.38
C LEU A 248 -2.35 -4.13 -15.07
N THR A 249 -1.19 -4.62 -15.44
CA THR A 249 -1.11 -5.98 -16.02
C THR A 249 -1.64 -7.06 -15.08
N ALA A 250 -1.50 -6.82 -13.78
CA ALA A 250 -1.94 -7.78 -12.79
C ALA A 250 -3.39 -7.72 -12.47
N VAL A 251 -4.06 -6.66 -12.82
CA VAL A 251 -5.50 -6.61 -12.57
C VAL A 251 -6.27 -7.00 -13.81
N SER A 252 -7.56 -7.24 -13.61
CA SER A 252 -8.44 -7.69 -14.65
C SER A 252 -8.64 -6.61 -15.69
N ASP A 253 -8.99 -7.00 -16.93
CA ASP A 253 -9.34 -6.00 -17.90
C ASP A 253 -10.55 -5.18 -17.47
N THR A 254 -11.49 -5.79 -16.75
CA THR A 254 -12.64 -5.06 -16.25
C THR A 254 -12.13 -3.91 -15.34
N ALA A 255 -11.22 -4.25 -14.46
CA ALA A 255 -10.60 -3.29 -13.52
C ALA A 255 -9.86 -2.22 -14.28
N LYS A 256 -9.12 -2.64 -15.31
CA LYS A 256 -8.42 -1.65 -16.17
C LYS A 256 -9.35 -0.67 -16.79
N TYR A 257 -10.40 -1.15 -17.44
CA TYR A 257 -11.33 -0.29 -18.13
C TYR A 257 -12.05 0.63 -17.16
N GLY A 258 -12.50 0.08 -16.04
CA GLY A 258 -13.14 0.89 -15.08
C GLY A 258 -12.26 1.95 -14.44
N GLY A 259 -11.05 1.60 -14.10
CA GLY A 259 -10.10 2.53 -13.53
C GLY A 259 -9.70 3.67 -14.44
N MSE A 260 -9.47 3.31 -15.71
CA MSE A 260 -9.09 4.30 -16.72
C MSE A 260 -10.25 5.23 -17.10
O MSE A 260 -10.01 6.36 -17.45
CB MSE A 260 -8.59 3.57 -17.98
CG MSE A 260 -7.27 2.96 -17.63
SE MSE A 260 -6.83 1.94 -19.33
CE MSE A 260 -5.14 1.37 -18.71
N THR A 261 -11.48 4.79 -17.07
CA THR A 261 -12.57 5.65 -17.50
C THR A 261 -13.21 6.34 -16.33
N VAL A 262 -13.75 5.55 -15.42
CA VAL A 262 -14.44 6.09 -14.24
C VAL A 262 -13.51 6.78 -13.26
N GLY A 263 -12.30 6.23 -13.04
CA GLY A 263 -11.31 6.84 -12.11
C GLY A 263 -11.03 8.29 -12.46
N LYS A 264 -10.95 8.62 -13.76
CA LYS A 264 -10.64 9.92 -14.23
C LYS A 264 -11.82 10.86 -14.15
N MSE A 265 -13.03 10.33 -14.16
CA MSE A 265 -14.25 11.12 -13.96
C MSE A 265 -14.34 11.48 -12.51
O MSE A 265 -14.67 12.66 -12.18
CB MSE A 265 -15.51 10.42 -14.50
CG MSE A 265 -15.27 10.26 -15.97
SE MSE A 265 -16.83 9.24 -16.55
CE MSE A 265 -16.26 7.51 -17.37
N VAL A 266 -13.98 10.55 -11.61
CA VAL A 266 -14.06 10.79 -10.16
C VAL A 266 -12.99 11.75 -9.70
N ILE A 267 -11.76 11.42 -10.06
CA ILE A 267 -10.60 12.22 -9.78
C ILE A 267 -10.23 13.05 -11.03
N ASP A 268 -10.96 14.14 -11.16
CA ASP A 268 -10.86 14.95 -12.41
C ASP A 268 -9.82 16.02 -12.31
N GLU A 269 -9.65 16.82 -13.37
CA GLU A 269 -8.49 17.71 -13.42
C GLU A 269 -8.64 18.84 -12.42
N SER A 270 -9.85 19.12 -11.92
CA SER A 270 -10.03 20.12 -10.85
C SER A 270 -9.30 19.68 -9.56
N VAL A 271 -9.11 18.38 -9.40
CA VAL A 271 -8.34 17.84 -8.24
C VAL A 271 -6.88 18.29 -8.38
N LYS A 272 -6.33 18.12 -9.56
CA LYS A 272 -5.01 18.63 -9.86
C LYS A 272 -4.86 20.09 -9.62
N GLU A 273 -5.86 20.86 -10.04
CA GLU A 273 -5.84 22.33 -9.86
C GLU A 273 -5.82 22.67 -8.39
N ARG A 274 -6.59 21.96 -7.61
CA ARG A 274 -6.60 22.20 -6.14
C ARG A 274 -5.24 21.75 -5.48
N MSE A 275 -4.58 20.74 -6.07
CA MSE A 275 -3.23 20.32 -5.59
C MSE A 275 -2.23 21.45 -5.85
O MSE A 275 -1.41 21.78 -5.03
CB MSE A 275 -2.75 19.07 -6.32
CG MSE A 275 -3.48 17.85 -5.85
SE MSE A 275 -2.66 16.34 -6.81
CE MSE A 275 -3.75 14.96 -5.95
N LYS A 276 -2.35 22.10 -6.98
CA LYS A 276 -1.50 23.22 -7.32
C LYS A 276 -1.67 24.38 -6.30
N LYS A 277 -2.90 24.67 -5.93
CA LYS A 277 -3.17 25.67 -4.90
C LYS A 277 -2.54 25.28 -3.55
N ALA A 278 -2.61 24.01 -3.18
CA ALA A 278 -1.95 23.54 -1.94
C ALA A 278 -0.46 23.73 -2.01
N LEU A 279 0.11 23.45 -3.18
CA LEU A 279 1.51 23.63 -3.38
C LEU A 279 1.88 25.10 -3.34
N ASP A 280 1.05 25.94 -3.94
CA ASP A 280 1.29 27.41 -3.80
C ASP A 280 1.31 27.86 -2.33
N ASN A 281 0.39 27.35 -1.54
CA ASN A 281 0.31 27.65 -0.12
C ASN A 281 1.49 27.12 0.70
N ILE A 282 2.09 26.02 0.28
CA ILE A 282 3.36 25.59 0.86
C ILE A 282 4.52 26.56 0.51
N ARG A 283 4.68 26.77 -0.78
CA ARG A 283 5.74 27.57 -1.35
C ARG A 283 5.82 29.02 -0.80
N SER A 284 4.68 29.59 -0.47
CA SER A 284 4.59 31.01 0.01
C SER A 284 4.95 31.09 1.51
N GLY A 285 5.11 29.93 2.17
CA GLY A 285 5.13 29.80 3.61
C GLY A 285 3.87 29.94 4.41
N LYS A 286 2.72 30.09 3.77
CA LYS A 286 1.46 30.18 4.46
C LYS A 286 1.12 28.96 5.26
N PHE A 287 1.31 27.76 4.67
CA PHE A 287 1.01 26.58 5.45
C PHE A 287 1.84 26.50 6.72
N ALA A 288 3.13 26.70 6.58
CA ALA A 288 4.02 26.60 7.72
C ALA A 288 3.64 27.63 8.82
N GLU A 289 3.37 28.86 8.43
CA GLU A 289 2.87 29.85 9.39
C GLU A 289 1.64 29.36 10.10
N LYS A 290 0.67 28.86 9.31
CA LYS A 290 -0.57 28.43 9.87
C LYS A 290 -0.44 27.29 10.89
N TRP A 291 0.42 26.33 10.57
CA TRP A 291 0.69 25.18 11.43
C TRP A 291 1.47 25.51 12.73
N VAL A 292 2.49 26.31 12.58
CA VAL A 292 3.30 26.75 13.73
C VAL A 292 2.34 27.46 14.70
N GLU A 293 1.50 28.35 14.16
CA GLU A 293 0.44 29.04 14.99
C GLU A 293 -0.48 28.04 15.69
N GLU A 294 -1.08 27.13 14.91
CA GLU A 294 -1.93 26.06 15.40
C GLU A 294 -1.30 25.19 16.51
N TYR A 295 -0.04 24.80 16.30
CA TYR A 295 0.63 23.96 17.22
C TYR A 295 0.81 24.75 18.55
N GLY A 296 1.18 26.01 18.44
CA GLY A 296 1.36 26.88 19.62
C GLY A 296 0.07 27.05 20.46
N LYS A 297 -1.11 26.88 19.85
CA LYS A 297 -2.43 26.82 20.54
C LYS A 297 -2.91 25.41 20.99
N GLY A 298 -2.02 24.42 21.04
CA GLY A 298 -2.35 23.06 21.53
C GLY A 298 -2.74 22.02 20.48
N ALA A 299 -2.77 22.43 19.21
CA ALA A 299 -3.12 21.56 18.06
C ALA A 299 -4.44 20.86 18.31
N ASN A 300 -5.48 21.68 18.57
CA ASN A 300 -6.84 21.19 18.89
C ASN A 300 -7.48 20.53 17.64
N THR A 301 -7.03 20.95 16.45
CA THR A 301 -7.44 20.36 15.15
C THR A 301 -7.11 18.91 15.07
N ILE A 302 -5.86 18.57 15.40
CA ILE A 302 -5.45 17.19 15.47
C ILE A 302 -6.26 16.38 16.48
N LYS A 303 -6.39 16.85 17.72
CA LYS A 303 -7.07 16.03 18.71
C LYS A 303 -8.51 15.70 18.27
N GLU A 304 -9.26 16.69 17.77
CA GLU A 304 -10.65 16.46 17.36
C GLU A 304 -10.72 15.55 16.12
N GLY A 305 -9.88 15.83 15.11
CA GLY A 305 -9.72 14.93 13.97
C GLY A 305 -9.43 13.52 14.40
N MSE A 306 -8.49 13.31 15.33
CA MSE A 306 -8.20 11.94 15.79
C MSE A 306 -9.40 11.29 16.48
O MSE A 306 -9.65 10.10 16.30
CB MSE A 306 -7.07 11.86 16.83
CG MSE A 306 -5.65 12.23 16.41
SE MSE A 306 -5.06 11.05 14.89
CE MSE A 306 -4.08 9.77 16.02
N LYS A 307 -10.13 12.03 17.30
CA LYS A 307 -11.32 11.45 17.95
C LYS A 307 -12.30 10.98 16.87
N GLU A 308 -12.54 11.87 15.90
CA GLU A 308 -13.53 11.63 14.84
C GLU A 308 -13.18 10.37 14.09
N VAL A 309 -11.87 10.17 13.83
CA VAL A 309 -11.43 8.94 13.20
C VAL A 309 -11.66 7.75 14.11
N ASP A 310 -11.25 7.89 15.35
CA ASP A 310 -11.23 6.75 16.27
C ASP A 310 -12.63 6.17 16.51
N ASN A 311 -13.67 7.00 16.54
CA ASN A 311 -15.06 6.49 16.67
C ASN A 311 -15.86 6.44 15.38
N SER A 312 -15.18 6.46 14.22
CA SER A 312 -15.88 6.33 12.95
C SER A 312 -16.37 4.88 12.71
N THR A 313 -17.41 4.73 11.86
CA THR A 313 -17.84 3.37 11.48
C THR A 313 -16.70 2.57 10.91
N GLU A 314 -16.01 3.22 9.99
CA GLU A 314 -14.93 2.66 9.27
C GLU A 314 -13.92 2.03 10.18
N GLU A 315 -13.56 2.74 11.24
CA GLU A 315 -12.56 2.24 12.16
C GLU A 315 -13.06 1.06 13.03
N LYS A 316 -14.30 1.16 13.48
CA LYS A 316 -14.89 0.00 14.25
C LYS A 316 -14.86 -1.26 13.41
N VAL A 317 -15.33 -1.12 12.17
CA VAL A 317 -15.31 -2.27 11.23
C VAL A 317 -13.94 -2.83 11.09
N GLY A 318 -12.91 -2.00 10.85
CA GLY A 318 -11.58 -2.45 10.61
C GLY A 318 -10.95 -3.29 11.76
N ARG A 319 -11.30 -2.96 12.99
CA ARG A 319 -10.73 -3.69 14.16
C ARG A 319 -11.04 -5.21 14.03
N SER A 320 -12.31 -5.50 13.86
CA SER A 320 -12.74 -6.89 13.60
C SER A 320 -12.02 -7.66 12.49
N LEU A 321 -11.90 -7.03 11.35
CA LEU A 321 -11.32 -7.72 10.23
C LEU A 321 -9.83 -7.99 10.36
N ARG A 322 -9.07 -7.10 10.99
CA ARG A 322 -7.66 -7.40 11.19
C ARG A 322 -7.41 -8.61 12.15
N ASP A 323 -8.36 -8.98 12.99
CA ASP A 323 -8.24 -10.27 13.78
C ASP A 323 -8.33 -11.44 12.77
N ILE A 324 -9.30 -11.35 11.88
CA ILE A 324 -9.42 -12.32 10.79
C ILE A 324 -8.10 -12.57 10.10
N ILE A 325 -7.46 -11.51 9.61
CA ILE A 325 -6.21 -11.68 8.83
C ILE A 325 -5.05 -12.19 9.67
N LEU A 326 -4.84 -11.51 10.78
CA LEU A 326 -3.94 -11.98 11.85
C LEU A 326 -4.17 -13.49 12.11
N ARG A 327 -5.43 -13.88 12.23
CA ARG A 327 -5.81 -15.29 12.47
C ARG A 327 -5.24 -16.33 11.46
N GLY A 328 -4.92 -15.89 10.23
CA GLY A 328 -4.38 -16.77 9.20
C GLY A 328 -2.95 -16.55 8.68
N LYS A 329 -2.28 -15.48 9.11
CA LYS A 329 -0.93 -15.20 8.57
C LYS A 329 0.03 -16.33 9.01
N PRO A 330 1.03 -16.69 8.18
CA PRO A 330 1.95 -17.74 8.65
C PRO A 330 2.98 -17.17 9.63
N ALA B 2 -21.39 -9.43 11.43
CA ALA B 2 -21.72 -10.55 10.52
C ALA B 2 -21.01 -11.80 10.96
N LYS B 3 -21.57 -12.95 10.63
CA LYS B 3 -21.00 -14.20 11.05
C LYS B 3 -19.68 -14.40 10.30
N ILE B 4 -18.67 -14.84 11.02
CA ILE B 4 -17.40 -15.19 10.46
C ILE B 4 -17.18 -16.68 10.63
N TYR B 5 -16.88 -17.42 9.56
CA TYR B 5 -16.68 -18.85 9.64
C TYR B 5 -15.21 -19.12 9.65
N THR B 6 -14.75 -20.05 10.52
CA THR B 6 -13.34 -20.38 10.54
C THR B 6 -13.25 -21.90 10.43
N ASP B 7 -12.03 -22.45 10.36
CA ASP B 7 -11.84 -23.92 10.16
C ASP B 7 -12.77 -24.79 10.93
N LYS B 8 -12.98 -24.43 12.19
CA LYS B 8 -13.76 -25.20 13.13
C LYS B 8 -15.21 -25.34 12.72
N ASP B 9 -15.78 -24.35 12.03
CA ASP B 9 -17.21 -24.30 11.69
C ASP B 9 -17.58 -25.03 10.42
N VAL B 10 -16.63 -25.70 9.78
CA VAL B 10 -16.86 -26.19 8.44
C VAL B 10 -16.24 -27.53 8.24
N SER B 11 -16.99 -28.45 7.69
CA SER B 11 -16.43 -29.75 7.31
C SER B 11 -16.16 -29.86 5.82
N LEU B 12 -15.06 -30.50 5.45
CA LEU B 12 -14.78 -30.96 4.06
C LEU B 12 -15.57 -32.16 3.56
N ASP B 13 -16.39 -32.78 4.41
CA ASP B 13 -17.02 -34.04 4.03
C ASP B 13 -17.94 -33.86 2.83
N VAL B 14 -18.55 -32.70 2.76
CA VAL B 14 -19.49 -32.47 1.68
C VAL B 14 -18.82 -32.38 0.30
N ILE B 15 -17.51 -32.14 0.19
CA ILE B 15 -16.85 -32.18 -1.11
C ILE B 15 -15.76 -33.23 -1.19
N LYS B 16 -15.54 -33.92 -0.09
CA LYS B 16 -14.36 -34.79 -0.06
C LYS B 16 -14.32 -35.79 -1.19
N GLU B 17 -15.48 -36.34 -1.53
CA GLU B 17 -15.60 -37.36 -2.56
C GLU B 17 -15.90 -36.80 -3.97
N LYS B 18 -15.93 -35.47 -4.15
CA LYS B 18 -16.28 -34.89 -5.44
C LYS B 18 -15.04 -34.59 -6.28
N ARG B 19 -15.18 -34.80 -7.58
CA ARG B 19 -14.16 -34.46 -8.52
C ARG B 19 -14.37 -32.96 -8.93
N VAL B 20 -13.31 -32.19 -8.85
CA VAL B 20 -13.36 -30.78 -9.12
C VAL B 20 -12.60 -30.53 -10.43
N ALA B 21 -13.18 -29.73 -11.33
CA ALA B 21 -12.48 -29.24 -12.49
C ALA B 21 -12.14 -27.80 -12.22
N VAL B 22 -10.86 -27.45 -12.27
CA VAL B 22 -10.42 -26.04 -12.21
C VAL B 22 -10.25 -25.62 -13.64
N LEU B 23 -11.10 -24.69 -14.11
CA LEU B 23 -10.97 -24.16 -15.48
C LEU B 23 -10.12 -22.91 -15.42
N GLY B 24 -8.97 -22.96 -16.08
CA GLY B 24 -8.01 -21.90 -15.93
C GLY B 24 -6.84 -22.26 -15.05
N TYR B 25 -5.66 -21.82 -15.46
CA TYR B 25 -4.47 -21.96 -14.65
C TYR B 25 -3.61 -20.72 -14.71
N GLY B 26 -4.25 -19.56 -14.63
CA GLY B 26 -3.56 -18.33 -14.27
C GLY B 26 -3.18 -18.27 -12.86
N SER B 27 -3.06 -17.06 -12.33
CA SER B 27 -2.56 -16.87 -10.98
C SER B 27 -3.57 -17.40 -9.94
N GLN B 28 -4.86 -17.18 -10.16
CA GLN B 28 -5.86 -17.75 -9.23
C GLN B 28 -6.03 -19.29 -9.38
N GLY B 29 -6.19 -19.70 -10.60
CA GLY B 29 -6.43 -21.10 -11.00
C GLY B 29 -5.33 -21.99 -10.48
N ARG B 30 -4.07 -21.52 -10.66
CA ARG B 30 -2.97 -22.23 -10.03
C ARG B 30 -3.06 -22.37 -8.53
N ALA B 31 -3.28 -21.27 -7.83
CA ALA B 31 -3.33 -21.31 -6.42
C ALA B 31 -4.44 -22.22 -5.93
N TRP B 32 -5.64 -22.08 -6.53
CA TRP B 32 -6.68 -22.92 -6.04
C TRP B 32 -6.38 -24.38 -6.36
N ALA B 33 -5.91 -24.68 -7.56
CA ALA B 33 -5.71 -26.08 -7.94
C ALA B 33 -4.67 -26.71 -6.95
N LEU B 34 -3.61 -25.98 -6.71
CA LEU B 34 -2.57 -26.48 -5.75
C LEU B 34 -3.09 -26.69 -4.34
N ASN B 35 -3.88 -25.74 -3.81
CA ASN B 35 -4.43 -25.89 -2.49
C ASN B 35 -5.46 -26.99 -2.35
N LEU B 36 -6.38 -27.05 -3.31
CA LEU B 36 -7.36 -28.10 -3.28
C LEU B 36 -6.67 -29.49 -3.28
N ARG B 37 -5.73 -29.69 -4.20
CA ARG B 37 -5.07 -31.00 -4.33
C ARG B 37 -4.33 -31.32 -3.00
N ASP B 38 -3.63 -30.35 -2.43
CA ASP B 38 -2.99 -30.54 -1.11
C ASP B 38 -4.03 -30.87 -0.02
N SER B 39 -5.25 -30.32 -0.09
CA SER B 39 -6.30 -30.66 0.86
C SER B 39 -6.96 -32.00 0.60
N GLY B 40 -6.54 -32.75 -0.40
CA GLY B 40 -7.02 -34.09 -0.57
C GLY B 40 -8.18 -34.18 -1.57
N ILE B 41 -8.43 -33.08 -2.30
CA ILE B 41 -9.52 -33.03 -3.31
C ILE B 41 -8.97 -33.46 -4.62
N LYS B 42 -9.73 -34.26 -5.37
CA LYS B 42 -9.34 -34.71 -6.68
C LYS B 42 -9.59 -33.54 -7.65
N VAL B 43 -8.53 -33.05 -8.26
CA VAL B 43 -8.58 -31.88 -9.16
C VAL B 43 -8.17 -32.28 -10.53
N SER B 44 -8.96 -31.87 -11.52
CA SER B 44 -8.52 -31.87 -12.93
C SER B 44 -8.44 -30.41 -13.40
N VAL B 45 -7.40 -30.06 -14.08
CA VAL B 45 -7.23 -28.74 -14.69
C VAL B 45 -7.73 -28.81 -16.12
N GLY B 46 -8.66 -27.89 -16.50
CA GLY B 46 -9.26 -27.88 -17.78
C GLY B 46 -8.93 -26.59 -18.47
N LEU B 47 -8.44 -26.70 -19.70
CA LEU B 47 -7.89 -25.59 -20.43
C LEU B 47 -8.30 -25.59 -21.89
N GLU B 48 -8.42 -24.37 -22.44
CA GLU B 48 -8.86 -24.22 -23.80
C GLU B 48 -7.74 -24.55 -24.83
N ARG B 49 -6.52 -24.22 -24.48
CA ARG B 49 -5.37 -24.39 -25.36
C ARG B 49 -4.23 -25.08 -24.60
N GLU B 50 -3.38 -25.75 -25.37
CA GLU B 50 -2.17 -26.35 -24.88
C GLU B 50 -1.07 -25.34 -25.09
N GLY B 51 -1.08 -24.31 -24.28
CA GLY B 51 -0.18 -23.15 -24.33
C GLY B 51 0.62 -23.05 -23.06
N ASN B 52 0.93 -21.84 -22.60
CA ASN B 52 1.81 -21.63 -21.44
C ASN B 52 1.16 -22.11 -20.14
N SER B 53 -0.15 -21.94 -20.03
CA SER B 53 -0.88 -22.38 -18.84
C SER B 53 -0.76 -23.87 -18.70
N TRP B 54 -0.99 -24.58 -19.79
CA TRP B 54 -0.99 -26.02 -19.86
C TRP B 54 0.38 -26.52 -19.39
N LYS B 55 1.44 -25.90 -19.93
CA LYS B 55 2.83 -26.21 -19.47
C LYS B 55 3.09 -26.02 -18.00
N GLN B 56 2.60 -24.91 -17.45
CA GLN B 56 2.75 -24.61 -16.06
C GLN B 56 2.06 -25.62 -15.19
N ALA B 57 0.88 -26.01 -15.63
CA ALA B 57 0.16 -27.03 -14.87
C ALA B 57 0.96 -28.41 -14.97
N GLU B 58 1.46 -28.77 -16.15
CA GLU B 58 2.37 -29.97 -16.33
C GLU B 58 3.58 -29.90 -15.38
N ASN B 59 4.15 -28.72 -15.28
CA ASN B 59 5.27 -28.43 -14.36
C ASN B 59 4.95 -28.55 -12.91
N ASP B 60 3.65 -28.47 -12.54
CA ASP B 60 3.20 -28.67 -11.17
C ASP B 60 2.63 -30.05 -10.88
N GLY B 61 2.79 -30.98 -11.82
CA GLY B 61 2.37 -32.38 -11.62
C GLY B 61 0.91 -32.68 -11.93
N PHE B 62 0.22 -31.73 -12.61
CA PHE B 62 -1.05 -32.08 -13.17
C PHE B 62 -0.94 -32.58 -14.52
N LYS B 63 -1.93 -33.31 -14.96
CA LYS B 63 -2.10 -33.70 -16.32
C LYS B 63 -3.35 -33.02 -16.93
N PRO B 64 -3.15 -31.86 -17.52
CA PRO B 64 -4.33 -31.05 -17.95
C PRO B 64 -5.10 -31.67 -19.06
N LEU B 65 -6.42 -31.34 -19.14
CA LEU B 65 -7.36 -31.84 -20.11
C LEU B 65 -7.98 -30.61 -20.83
N ARG B 66 -8.48 -30.86 -22.04
CA ARG B 66 -9.29 -29.85 -22.66
C ARG B 66 -10.49 -29.61 -21.70
N THR B 67 -10.96 -28.37 -21.71
CA THR B 67 -12.04 -27.94 -20.89
C THR B 67 -13.15 -28.95 -20.81
N GLU B 68 -13.68 -29.38 -21.96
CA GLU B 68 -14.78 -30.27 -21.99
C GLU B 68 -14.53 -31.63 -21.37
N GLU B 69 -13.29 -32.12 -21.48
CA GLU B 69 -12.98 -33.39 -20.86
C GLU B 69 -12.87 -33.29 -19.38
N ALA B 70 -12.33 -32.17 -18.90
CA ALA B 70 -12.33 -31.93 -17.45
C ALA B 70 -13.77 -31.87 -16.91
N VAL B 71 -14.67 -31.20 -17.63
CA VAL B 71 -16.04 -31.05 -17.15
C VAL B 71 -16.76 -32.40 -17.13
N ARG B 72 -16.67 -33.13 -18.21
CA ARG B 72 -17.33 -34.44 -18.27
C ARG B 72 -16.86 -35.41 -17.16
N ASN B 73 -15.67 -35.20 -16.63
CA ASN B 73 -15.14 -36.10 -15.66
C ASN B 73 -15.26 -35.53 -14.26
N SER B 74 -16.01 -34.42 -14.06
CA SER B 74 -16.06 -33.78 -12.76
C SER B 74 -17.49 -33.49 -12.25
N ASP B 75 -17.57 -33.20 -10.97
CA ASP B 75 -18.82 -32.81 -10.32
C ASP B 75 -18.93 -31.28 -10.08
N ILE B 76 -17.84 -30.64 -9.77
CA ILE B 76 -17.79 -29.28 -9.28
C ILE B 76 -16.91 -28.57 -10.33
N ILE B 77 -17.48 -27.57 -10.98
CA ILE B 77 -16.75 -26.85 -12.07
C ILE B 77 -16.42 -25.45 -11.60
N ILE B 78 -15.14 -25.08 -11.53
CA ILE B 78 -14.69 -23.84 -10.98
C ILE B 78 -14.18 -22.96 -12.11
N PHE B 79 -14.78 -21.79 -12.29
CA PHE B 79 -14.45 -20.85 -13.42
C PHE B 79 -13.43 -19.84 -12.97
N LEU B 80 -12.14 -20.11 -13.22
CA LEU B 80 -11.08 -19.25 -12.80
C LEU B 80 -10.44 -18.72 -14.10
N LEU B 81 -11.31 -18.26 -14.99
CA LEU B 81 -10.95 -17.70 -16.33
C LEU B 81 -11.28 -16.21 -16.29
N PRO B 82 -10.68 -15.44 -17.20
CA PRO B 82 -11.07 -14.01 -17.29
C PRO B 82 -12.57 -13.80 -17.48
N ASP B 83 -13.14 -12.77 -16.81
CA ASP B 83 -14.60 -12.55 -16.86
C ASP B 83 -15.12 -12.47 -18.27
N MSE B 84 -14.34 -11.87 -19.21
CA MSE B 84 -14.89 -11.70 -20.53
C MSE B 84 -14.90 -12.86 -21.44
O MSE B 84 -15.58 -12.81 -22.43
CB MSE B 84 -14.19 -10.57 -21.32
CG MSE B 84 -14.34 -9.21 -20.67
SE MSE B 84 -16.22 -8.53 -20.95
CE MSE B 84 -16.25 -8.76 -19.03
N ILE B 85 -14.17 -13.95 -21.13
CA ILE B 85 -14.22 -15.13 -21.93
C ILE B 85 -15.00 -16.30 -21.31
N GLN B 86 -15.39 -16.18 -20.05
CA GLN B 86 -16.26 -17.21 -19.38
C GLN B 86 -17.51 -17.53 -20.19
N ARG B 87 -18.20 -16.52 -20.77
CA ARG B 87 -19.42 -16.77 -21.46
C ARG B 87 -19.24 -17.82 -22.61
N THR B 88 -18.30 -17.58 -23.51
CA THR B 88 -18.02 -18.48 -24.60
C THR B 88 -17.58 -19.88 -24.20
N VAL B 89 -16.69 -19.91 -23.24
CA VAL B 89 -16.29 -21.27 -22.69
C VAL B 89 -17.46 -22.02 -22.10
N TYR B 90 -18.25 -21.32 -21.29
CA TYR B 90 -19.44 -21.89 -20.75
C TYR B 90 -20.32 -22.45 -21.79
N LEU B 91 -20.74 -21.63 -22.80
CA LEU B 91 -21.73 -22.11 -23.73
C LEU B 91 -21.29 -23.28 -24.57
N GLU B 92 -20.05 -23.24 -24.91
CA GLU B 92 -19.57 -24.26 -25.85
C GLU B 92 -18.95 -25.51 -25.25
N ARG B 93 -18.37 -25.39 -24.05
CA ARG B 93 -17.58 -26.44 -23.47
C ARG B 93 -18.02 -26.88 -22.05
N VAL B 94 -19.01 -26.20 -21.47
CA VAL B 94 -19.52 -26.59 -20.11
C VAL B 94 -20.99 -26.98 -20.14
N LYS B 95 -21.81 -26.07 -20.62
CA LYS B 95 -23.26 -26.19 -20.66
C LYS B 95 -23.77 -27.51 -21.15
N PRO B 96 -23.27 -27.99 -22.30
CA PRO B 96 -23.86 -29.24 -22.80
C PRO B 96 -23.53 -30.49 -22.04
N TYR B 97 -22.58 -30.39 -21.11
CA TYR B 97 -22.19 -31.46 -20.26
C TYR B 97 -22.79 -31.41 -18.83
N LEU B 98 -23.62 -30.43 -18.51
CA LEU B 98 -24.12 -30.33 -17.11
C LEU B 98 -25.23 -31.32 -16.88
N LYS B 99 -25.23 -31.86 -15.68
CA LYS B 99 -26.14 -32.90 -15.26
C LYS B 99 -26.69 -32.38 -13.94
N GLU B 100 -27.88 -32.89 -13.60
CA GLU B 100 -28.42 -32.70 -12.27
C GLU B 100 -27.41 -32.91 -11.20
N GLY B 101 -27.36 -31.96 -10.28
CA GLY B 101 -26.54 -32.05 -9.09
C GLY B 101 -25.10 -31.60 -9.17
N MSE B 102 -24.64 -31.24 -10.38
CA MSE B 102 -23.31 -30.63 -10.59
C MSE B 102 -23.32 -29.25 -9.98
O MSE B 102 -24.38 -28.70 -9.65
CB MSE B 102 -22.90 -30.65 -12.08
CG MSE B 102 -22.44 -32.12 -12.40
SE MSE B 102 -22.09 -32.20 -14.33
CE MSE B 102 -20.44 -31.09 -14.28
N ASP B 103 -22.13 -28.71 -9.74
CA ASP B 103 -21.98 -27.38 -9.15
C ASP B 103 -21.17 -26.50 -10.13
N LEU B 104 -21.56 -25.23 -10.25
CA LEU B 104 -20.83 -24.17 -10.95
C LEU B 104 -20.35 -23.22 -9.92
N VAL B 105 -19.05 -22.99 -9.89
CA VAL B 105 -18.41 -22.23 -8.86
C VAL B 105 -17.57 -21.08 -9.49
N PHE B 106 -17.70 -19.90 -8.90
CA PHE B 106 -17.09 -18.66 -9.41
C PHE B 106 -16.23 -18.03 -8.31
N ALA B 107 -15.27 -17.23 -8.74
CA ALA B 107 -14.53 -16.39 -7.84
C ALA B 107 -15.04 -14.94 -7.88
N HIS B 108 -15.89 -14.59 -8.82
CA HIS B 108 -16.39 -13.21 -8.98
C HIS B 108 -17.82 -13.37 -9.41
N GLY B 109 -18.65 -12.42 -9.08
CA GLY B 109 -20.09 -12.54 -9.38
C GLY B 109 -20.55 -12.02 -10.70
N PHE B 110 -19.63 -11.40 -11.48
CA PHE B 110 -20.00 -10.59 -12.64
C PHE B 110 -20.82 -11.32 -13.67
N ASN B 111 -20.33 -12.50 -14.15
CA ASN B 111 -21.00 -13.16 -15.19
C ASN B 111 -22.44 -13.66 -14.84
N ILE B 112 -22.56 -14.23 -13.61
CA ILE B 112 -23.88 -14.68 -13.14
C ILE B 112 -24.81 -13.48 -12.90
N HIS B 113 -24.30 -12.50 -12.21
CA HIS B 113 -25.14 -11.34 -11.85
C HIS B 113 -25.67 -10.61 -13.12
N TYR B 114 -24.83 -10.41 -14.12
CA TYR B 114 -25.19 -9.74 -15.34
C TYR B 114 -25.73 -10.62 -16.48
N ARG B 115 -26.07 -11.86 -16.16
CA ARG B 115 -26.71 -12.82 -17.03
C ARG B 115 -25.85 -13.15 -18.27
N LEU B 116 -24.57 -13.04 -18.19
CA LEU B 116 -23.68 -13.49 -19.29
C LEU B 116 -23.59 -15.06 -19.29
N ILE B 117 -23.67 -15.68 -18.12
CA ILE B 117 -23.85 -17.13 -17.94
C ILE B 117 -25.21 -17.31 -17.22
N GLU B 118 -26.08 -18.08 -17.86
CA GLU B 118 -27.40 -18.33 -17.32
C GLU B 118 -27.51 -19.82 -17.06
N PRO B 119 -27.35 -20.22 -15.80
CA PRO B 119 -27.21 -21.68 -15.55
C PRO B 119 -28.59 -22.37 -15.59
N PRO B 120 -28.60 -23.69 -15.81
CA PRO B 120 -29.88 -24.42 -15.68
C PRO B 120 -30.36 -24.40 -14.21
N SER B 121 -31.61 -24.79 -13.94
CA SER B 121 -32.16 -24.72 -12.57
C SER B 121 -31.75 -25.84 -11.67
N ASN B 122 -31.11 -26.84 -12.22
CA ASN B 122 -30.84 -28.05 -11.47
C ASN B 122 -29.38 -28.26 -11.11
N VAL B 123 -28.61 -27.19 -11.03
CA VAL B 123 -27.24 -27.24 -10.51
C VAL B 123 -27.09 -26.25 -9.37
N ASP B 124 -26.14 -26.46 -8.48
CA ASP B 124 -25.88 -25.44 -7.48
C ASP B 124 -24.91 -24.43 -8.11
N VAL B 125 -25.03 -23.17 -7.71
CA VAL B 125 -24.20 -22.09 -8.19
C VAL B 125 -23.71 -21.29 -6.98
N TYR B 126 -22.41 -21.17 -6.79
CA TYR B 126 -21.82 -20.52 -5.64
C TYR B 126 -20.47 -19.89 -5.91
N MSE B 127 -19.97 -19.14 -4.93
CA MSE B 127 -18.77 -18.33 -5.09
C MSE B 127 -17.94 -18.29 -3.89
O MSE B 127 -18.44 -18.32 -2.81
CB MSE B 127 -19.14 -16.80 -5.41
CG MSE B 127 -17.95 -15.88 -5.49
SE MSE B 127 -18.90 -14.07 -5.53
CE MSE B 127 -18.87 -13.92 -3.61
N ILE B 128 -16.60 -18.29 -4.10
CA ILE B 128 -15.58 -18.06 -3.06
C ILE B 128 -14.63 -17.02 -3.68
N ALA B 129 -14.50 -15.89 -3.00
CA ALA B 129 -13.72 -14.72 -3.53
C ALA B 129 -12.65 -14.39 -2.51
N PRO B 130 -11.46 -14.98 -2.68
CA PRO B 130 -10.38 -14.70 -1.72
C PRO B 130 -9.92 -13.26 -1.85
N LYS B 131 -9.53 -12.71 -0.71
CA LYS B 131 -9.14 -11.31 -0.63
C LYS B 131 -7.62 -11.21 -0.64
N ALA B 132 -7.00 -11.74 -1.69
CA ALA B 132 -5.55 -11.64 -1.86
C ALA B 132 -5.15 -12.15 -3.25
N PRO B 133 -3.90 -11.89 -3.67
CA PRO B 133 -3.46 -12.49 -4.94
C PRO B 133 -3.20 -14.00 -4.85
N GLY B 134 -3.33 -14.68 -5.99
CA GLY B 134 -3.06 -16.13 -6.07
C GLY B 134 -1.84 -16.56 -5.32
N PRO B 135 -0.72 -15.85 -5.52
CA PRO B 135 0.51 -16.27 -4.85
C PRO B 135 0.45 -16.32 -3.34
N ILE B 136 -0.29 -15.37 -2.76
CA ILE B 136 -0.46 -15.29 -1.36
C ILE B 136 -1.44 -16.38 -0.92
N VAL B 137 -2.50 -16.56 -1.73
CA VAL B 137 -3.52 -17.58 -1.42
C VAL B 137 -2.76 -18.90 -1.21
N ARG B 138 -1.88 -19.20 -2.14
CA ARG B 138 -1.02 -20.40 -2.13
C ARG B 138 0.04 -20.43 -0.99
N GLU B 139 0.79 -19.37 -0.90
CA GLU B 139 1.86 -19.30 0.09
C GLU B 139 1.36 -19.51 1.51
N TYR B 140 0.30 -18.85 1.88
CA TYR B 140 -0.21 -18.94 3.22
C TYR B 140 -0.78 -20.29 3.56
N PHE B 141 -1.53 -20.85 2.59
CA PHE B 141 -1.99 -22.18 2.74
C PHE B 141 -0.77 -23.10 2.95
N ALA B 142 0.28 -22.88 2.17
CA ALA B 142 1.41 -23.83 2.16
C ALA B 142 2.19 -23.80 3.49
N LYS B 143 2.08 -22.68 4.21
CA LYS B 143 2.65 -22.52 5.55
C LYS B 143 1.66 -22.75 6.69
N GLY B 144 0.58 -23.49 6.43
CA GLY B 144 -0.36 -23.86 7.50
C GLY B 144 -1.28 -22.73 7.96
N GLY B 145 -1.23 -21.56 7.30
CA GLY B 145 -2.26 -20.54 7.42
C GLY B 145 -3.13 -20.37 6.14
N GLY B 146 -3.50 -19.12 5.80
CA GLY B 146 -4.49 -18.81 4.73
C GLY B 146 -5.06 -17.40 4.73
N VAL B 147 -5.78 -17.08 3.66
CA VAL B 147 -6.23 -15.73 3.32
C VAL B 147 -7.79 -15.71 3.54
N PRO B 148 -8.34 -14.62 4.09
CA PRO B 148 -9.82 -14.56 4.19
C PRO B 148 -10.54 -14.46 2.83
N ALA B 149 -11.82 -14.83 2.83
CA ALA B 149 -12.60 -14.76 1.60
C ALA B 149 -14.05 -14.45 1.90
N LEU B 150 -14.74 -14.05 0.83
CA LEU B 150 -16.19 -13.91 0.87
C LEU B 150 -16.75 -15.17 0.16
N VAL B 151 -17.90 -15.62 0.61
CA VAL B 151 -18.66 -16.72 0.00
C VAL B 151 -20.06 -16.26 -0.32
N ALA B 152 -20.65 -16.83 -1.38
CA ALA B 152 -22.11 -16.52 -1.68
C ALA B 152 -22.71 -17.65 -2.35
N THR B 153 -24.02 -17.79 -2.22
CA THR B 153 -24.72 -18.79 -3.04
C THR B 153 -25.71 -18.07 -3.93
N TYR B 154 -25.78 -18.43 -5.18
CA TYR B 154 -26.71 -17.84 -6.12
C TYR B 154 -27.90 -18.73 -6.31
N GLN B 155 -27.69 -20.04 -6.51
CA GLN B 155 -28.75 -21.00 -6.64
C GLN B 155 -28.42 -22.22 -5.79
N ASP B 156 -29.29 -22.48 -4.79
CA ASP B 156 -29.07 -23.57 -3.84
C ASP B 156 -30.13 -24.61 -4.14
N HIS B 157 -29.86 -25.41 -5.14
CA HIS B 157 -30.77 -26.47 -5.55
C HIS B 157 -30.74 -27.66 -4.64
N SER B 158 -29.53 -28.06 -4.27
CA SER B 158 -29.33 -29.16 -3.35
C SER B 158 -29.77 -28.90 -1.92
N GLY B 159 -29.89 -27.64 -1.53
CA GLY B 159 -29.82 -27.26 -0.10
C GLY B 159 -28.50 -27.26 0.66
N LYS B 160 -27.42 -27.64 0.04
CA LYS B 160 -26.13 -27.72 0.66
C LYS B 160 -25.19 -26.72 0.00
N ALA B 161 -25.71 -25.74 -0.77
CA ALA B 161 -24.73 -24.88 -1.52
C ALA B 161 -23.83 -24.02 -0.59
N LEU B 162 -24.32 -23.52 0.54
CA LEU B 162 -23.47 -22.72 1.45
C LEU B 162 -22.38 -23.55 2.09
N GLN B 163 -22.80 -24.77 2.51
CA GLN B 163 -21.90 -25.77 3.05
C GLN B 163 -20.80 -26.13 2.06
N LYS B 164 -21.16 -26.26 0.78
CA LYS B 164 -20.20 -26.61 -0.29
C LYS B 164 -19.23 -25.44 -0.55
N ALA B 165 -19.81 -24.22 -0.62
CA ALA B 165 -18.98 -22.99 -0.75
C ALA B 165 -17.97 -22.86 0.40
N LEU B 166 -18.45 -23.14 1.62
CA LEU B 166 -17.59 -23.09 2.81
C LEU B 166 -16.47 -24.12 2.76
N ALA B 167 -16.82 -25.30 2.30
CA ALA B 167 -15.88 -26.38 2.15
C ALA B 167 -14.79 -26.08 1.14
N VAL B 168 -15.17 -25.53 -0.02
CA VAL B 168 -14.19 -25.05 -0.97
C VAL B 168 -13.26 -24.00 -0.34
N ALA B 169 -13.85 -23.08 0.41
CA ALA B 169 -13.12 -22.03 1.05
C ALA B 169 -12.17 -22.67 2.11
N LYS B 170 -12.63 -23.67 2.82
CA LYS B 170 -11.73 -24.37 3.76
C LYS B 170 -10.57 -25.07 3.06
N ALA B 171 -10.89 -25.77 1.98
CA ALA B 171 -9.88 -26.47 1.19
C ALA B 171 -8.82 -25.62 0.54
N ILE B 172 -9.08 -24.30 0.36
CA ILE B 172 -8.05 -23.39 -0.11
C ILE B 172 -7.40 -22.47 0.96
N GLY B 173 -7.79 -22.71 2.18
CA GLY B 173 -7.15 -22.17 3.36
C GLY B 173 -7.89 -21.00 3.94
N ALA B 174 -8.97 -20.54 3.30
CA ALA B 174 -9.64 -19.33 3.73
C ALA B 174 -10.23 -19.35 5.14
N THR B 175 -10.70 -20.48 5.60
CA THR B 175 -11.29 -20.52 6.92
C THR B 175 -10.20 -20.54 8.04
N ARG B 176 -8.93 -20.62 7.66
CA ARG B 176 -7.85 -20.45 8.65
C ARG B 176 -7.80 -19.01 9.13
N ALA B 177 -8.11 -18.10 8.21
CA ALA B 177 -8.25 -16.67 8.45
C ALA B 177 -9.70 -16.36 8.84
N GLY B 178 -10.65 -16.42 7.92
CA GLY B 178 -12.03 -16.13 8.25
C GLY B 178 -12.80 -15.85 6.95
N VAL B 179 -14.07 -16.24 6.93
CA VAL B 179 -14.92 -16.10 5.76
C VAL B 179 -16.20 -15.50 6.16
N ILE B 180 -16.70 -14.58 5.34
CA ILE B 180 -17.94 -13.90 5.55
C ILE B 180 -18.83 -14.10 4.31
N GLU B 181 -20.11 -14.25 4.55
CA GLU B 181 -21.13 -14.45 3.48
C GLU B 181 -21.61 -13.10 2.92
N THR B 182 -21.74 -13.07 1.61
CA THR B 182 -22.29 -11.99 0.88
C THR B 182 -23.24 -12.56 -0.16
N THR B 183 -23.51 -11.77 -1.19
CA THR B 183 -24.33 -12.18 -2.33
C THR B 183 -23.56 -11.93 -3.65
N PHE B 184 -23.98 -12.60 -4.72
CA PHE B 184 -23.35 -12.34 -6.03
C PHE B 184 -23.47 -10.84 -6.42
N LYS B 185 -24.65 -10.29 -6.19
CA LYS B 185 -24.90 -8.88 -6.52
C LYS B 185 -23.97 -7.98 -5.68
N GLU B 186 -23.92 -8.17 -4.36
CA GLU B 186 -23.08 -7.33 -3.53
C GLU B 186 -21.62 -7.41 -3.87
N GLU B 187 -21.10 -8.60 -4.04
CA GLU B 187 -19.70 -8.73 -4.37
C GLU B 187 -19.39 -8.07 -5.73
N THR B 188 -20.25 -8.25 -6.72
CA THR B 188 -20.06 -7.67 -8.06
C THR B 188 -20.03 -6.14 -8.00
N GLU B 189 -21.04 -5.58 -7.38
CA GLU B 189 -21.22 -4.11 -7.36
C GLU B 189 -20.17 -3.46 -6.55
N THR B 190 -19.82 -4.01 -5.37
CA THR B 190 -18.79 -3.46 -4.59
C THR B 190 -17.36 -3.57 -5.20
N ASP B 191 -17.09 -4.68 -5.82
CA ASP B 191 -15.82 -4.90 -6.54
C ASP B 191 -15.67 -3.90 -7.72
N LEU B 192 -16.71 -3.70 -8.50
CA LEU B 192 -16.66 -2.74 -9.61
C LEU B 192 -16.41 -1.33 -9.04
N PHE B 193 -17.17 -1.01 -7.97
CA PHE B 193 -17.06 0.34 -7.39
C PHE B 193 -15.68 0.62 -6.82
N GLY B 194 -15.13 -0.31 -6.03
CA GLY B 194 -13.82 -0.13 -5.44
C GLY B 194 -12.71 0.06 -6.46
N GLU B 195 -12.73 -0.77 -7.50
CA GLU B 195 -11.76 -0.71 -8.61
C GLU B 195 -11.85 0.61 -9.33
N GLN B 196 -13.04 1.12 -9.51
CA GLN B 196 -13.18 2.28 -10.31
C GLN B 196 -12.80 3.53 -9.57
N VAL B 197 -13.29 3.70 -8.37
CA VAL B 197 -13.18 4.99 -7.72
C VAL B 197 -12.06 5.14 -6.75
N ASP B 198 -11.41 4.05 -6.39
CA ASP B 198 -10.57 4.00 -5.20
C ASP B 198 -9.31 3.18 -5.48
N LEU B 199 -9.44 1.86 -5.48
CA LEU B 199 -8.32 0.95 -5.56
C LEU B 199 -7.45 1.02 -6.75
N VAL B 200 -8.03 1.26 -7.93
CA VAL B 200 -7.25 1.30 -9.17
C VAL B 200 -7.43 2.69 -9.78
N GLY B 201 -8.63 3.04 -10.18
CA GLY B 201 -8.79 4.32 -10.85
C GLY B 201 -8.40 5.55 -10.02
N GLY B 202 -8.89 5.55 -8.80
CA GLY B 202 -8.83 6.75 -7.97
C GLY B 202 -7.44 7.00 -7.48
N VAL B 203 -6.87 5.98 -6.89
CA VAL B 203 -5.55 6.18 -6.33
C VAL B 203 -4.49 6.37 -7.38
N MSE B 204 -4.62 5.71 -8.51
CA MSE B 204 -3.69 5.93 -9.62
C MSE B 204 -3.76 7.34 -10.12
O MSE B 204 -2.74 8.01 -10.27
CB MSE B 204 -3.98 5.03 -10.87
CG MSE B 204 -3.09 5.39 -11.98
SE MSE B 204 -3.13 3.78 -13.20
CE MSE B 204 -5.08 3.66 -13.45
N GLN B 205 -4.93 7.91 -10.31
CA GLN B 205 -5.02 9.26 -10.77
C GLN B 205 -4.50 10.28 -9.67
N LEU B 206 -4.80 9.97 -8.41
CA LEU B 206 -4.36 10.82 -7.27
C LEU B 206 -2.84 10.89 -7.21
N MSE B 207 -2.18 9.73 -7.22
CA MSE B 207 -0.73 9.64 -7.21
C MSE B 207 -0.14 10.28 -8.44
O MSE B 207 0.83 11.05 -8.35
CB MSE B 207 -0.24 8.20 -6.99
CG MSE B 207 -0.67 7.69 -5.65
SE MSE B 207 0.29 5.92 -5.40
CE MSE B 207 -0.91 4.82 -6.37
N ARG B 208 -0.68 9.94 -9.62
CA ARG B 208 -0.12 10.53 -10.82
C ARG B 208 -0.26 12.08 -10.85
N TYR B 209 -1.39 12.63 -10.41
CA TYR B 209 -1.57 14.08 -10.37
C TYR B 209 -0.58 14.71 -9.43
N ALA B 210 -0.34 14.04 -8.30
CA ALA B 210 0.58 14.61 -7.32
C ALA B 210 2.00 14.65 -7.87
N PHE B 211 2.43 13.54 -8.45
CA PHE B 211 3.71 13.45 -9.12
C PHE B 211 3.83 14.54 -10.19
N GLN B 212 2.83 14.67 -11.08
CA GLN B 212 2.92 15.67 -12.14
C GLN B 212 3.04 17.11 -11.66
N THR B 213 2.30 17.42 -10.59
CA THR B 213 2.22 18.73 -10.01
C THR B 213 3.64 19.11 -9.58
N LEU B 214 4.34 18.19 -8.92
CA LEU B 214 5.69 18.45 -8.44
C LEU B 214 6.69 18.65 -9.62
N VAL B 215 6.60 17.80 -10.63
CA VAL B 215 7.52 17.84 -11.78
C VAL B 215 7.25 19.14 -12.57
N GLU B 216 6.00 19.45 -12.84
CA GLU B 216 5.62 20.73 -13.49
C GLU B 216 6.12 21.97 -12.69
N ALA B 217 6.25 21.90 -11.37
CA ALA B 217 6.75 23.04 -10.58
C ALA B 217 8.25 23.14 -10.51
N GLY B 218 8.95 22.19 -11.08
CA GLY B 218 10.36 22.19 -11.29
C GLY B 218 11.18 21.36 -10.31
N TYR B 219 10.51 20.58 -9.45
CA TYR B 219 11.23 19.73 -8.52
C TYR B 219 11.83 18.53 -9.26
N GLN B 220 12.88 17.91 -8.68
CA GLN B 220 13.52 16.72 -9.23
C GLN B 220 12.51 15.54 -9.34
N PRO B 221 12.39 14.94 -10.54
CA PRO B 221 11.46 13.80 -10.71
C PRO B 221 11.68 12.65 -9.77
N GLU B 222 12.94 12.32 -9.48
CA GLU B 222 13.22 11.24 -8.57
C GLU B 222 12.70 11.59 -7.14
N VAL B 223 12.88 12.83 -6.70
CA VAL B 223 12.31 13.31 -5.44
C VAL B 223 10.78 13.25 -5.47
N ALA B 224 10.20 13.72 -6.56
CA ALA B 224 8.79 13.73 -6.65
C ALA B 224 8.21 12.29 -6.59
N TYR B 225 8.85 11.31 -7.23
CA TYR B 225 8.42 9.92 -7.22
C TYR B 225 8.51 9.30 -5.84
N PHE B 226 9.61 9.55 -5.12
CA PHE B 226 9.73 9.03 -3.76
C PHE B 226 8.61 9.59 -2.92
N GLU B 227 8.32 10.86 -3.09
CA GLU B 227 7.39 11.51 -2.19
C GLU B 227 5.95 11.20 -2.51
N THR B 228 5.59 11.02 -3.77
CA THR B 228 4.15 10.84 -4.10
C THR B 228 3.71 9.44 -4.47
N ILE B 229 4.67 8.56 -4.80
CA ILE B 229 4.32 7.21 -5.22
C ILE B 229 4.93 6.16 -4.28
N ASN B 230 6.25 6.13 -4.22
CA ASN B 230 6.96 5.16 -3.37
C ASN B 230 6.53 5.15 -1.90
N GLU B 231 6.39 6.31 -1.26
CA GLU B 231 6.02 6.39 0.15
C GLU B 231 4.59 5.86 0.44
N MSE B 232 3.77 5.63 -0.58
CA MSE B 232 2.41 5.23 -0.32
C MSE B 232 2.34 3.91 0.33
O MSE B 232 1.41 3.62 1.07
CB MSE B 232 1.69 5.18 -1.68
CG MSE B 232 0.22 4.98 -1.49
SE MSE B 232 -0.84 6.25 -0.50
CE MSE B 232 -1.14 7.56 -1.97
N LYS B 233 3.29 3.04 0.03
CA LYS B 233 3.33 1.73 0.70
C LYS B 233 3.44 1.86 2.21
N LEU B 234 4.27 2.75 2.70
CA LEU B 234 4.41 2.98 4.14
C LEU B 234 3.08 3.30 4.76
N ILE B 235 2.32 4.17 4.08
CA ILE B 235 1.06 4.64 4.61
C ILE B 235 0.07 3.46 4.56
N VAL B 236 -0.11 2.84 3.41
CA VAL B 236 -1.12 1.83 3.28
C VAL B 236 -0.76 0.56 4.08
N ASP B 237 0.52 0.17 4.19
CA ASP B 237 0.92 -0.88 5.18
C ASP B 237 0.43 -0.61 6.57
N LEU B 238 0.54 0.63 7.01
CA LEU B 238 0.05 0.99 8.37
C LEU B 238 -1.45 0.95 8.46
N VAL B 239 -2.16 1.41 7.45
CA VAL B 239 -3.65 1.23 7.49
C VAL B 239 -4.09 -0.23 7.51
N TYR B 240 -3.38 -1.05 6.74
CA TYR B 240 -3.73 -2.45 6.58
C TYR B 240 -3.55 -3.13 7.95
N GLU B 241 -2.44 -2.81 8.61
CA GLU B 241 -1.98 -3.41 9.91
C GLU B 241 -2.67 -2.79 11.13
N LYS B 242 -3.02 -1.49 11.09
CA LYS B 242 -3.48 -0.75 12.28
C LYS B 242 -4.65 0.22 12.12
N GLY B 243 -5.27 0.28 10.95
CA GLY B 243 -6.37 1.16 10.73
C GLY B 243 -5.84 2.58 10.48
N PHE B 244 -6.77 3.47 10.25
CA PHE B 244 -6.38 4.84 10.04
C PHE B 244 -5.83 5.40 11.35
N SER B 245 -6.41 4.98 12.48
CA SER B 245 -5.97 5.52 13.80
C SER B 245 -4.51 5.19 14.02
N GLY B 246 -4.20 3.94 13.80
CA GLY B 246 -2.84 3.45 13.85
C GLY B 246 -1.89 4.19 12.92
N MSE B 247 -2.35 4.42 11.69
CA MSE B 247 -1.52 5.12 10.74
C MSE B 247 -1.29 6.51 11.17
O MSE B 247 -0.17 6.99 11.07
CB MSE B 247 -2.09 5.08 9.30
CG MSE B 247 -1.19 5.77 8.31
SE MSE B 247 -1.71 7.66 8.12
CE MSE B 247 -3.47 7.51 7.18
N LEU B 248 -2.35 7.20 11.59
CA LEU B 248 -2.23 8.60 12.01
C LEU B 248 -1.30 8.78 13.22
N THR B 249 -1.32 7.83 14.17
CA THR B 249 -0.41 7.82 15.34
C THR B 249 1.04 7.63 14.92
N ALA B 250 1.27 6.85 13.88
CA ALA B 250 2.59 6.67 13.33
C ALA B 250 3.20 7.76 12.48
N VAL B 251 2.41 8.72 12.02
CA VAL B 251 2.99 9.77 11.19
C VAL B 251 3.17 11.00 12.08
N SER B 252 3.86 11.99 11.53
CA SER B 252 4.17 13.19 12.30
C SER B 252 2.87 13.94 12.58
N ASP B 253 2.91 14.80 13.60
CA ASP B 253 1.84 15.73 13.77
C ASP B 253 1.71 16.68 12.58
N THR B 254 2.84 17.07 11.99
CA THR B 254 2.88 17.90 10.78
C THR B 254 2.06 17.22 9.66
N ALA B 255 2.31 15.93 9.50
CA ALA B 255 1.52 15.10 8.53
C ALA B 255 0.05 15.03 8.89
N LYS B 256 -0.28 14.87 10.17
CA LYS B 256 -1.69 14.76 10.54
C LYS B 256 -2.38 16.06 10.26
N TYR B 257 -1.77 17.19 10.65
CA TYR B 257 -2.39 18.47 10.47
C TYR B 257 -2.62 18.82 9.00
N GLY B 258 -1.56 18.64 8.23
CA GLY B 258 -1.62 18.81 6.81
C GLY B 258 -2.67 17.91 6.17
N GLY B 259 -2.64 16.62 6.50
CA GLY B 259 -3.63 15.67 5.86
C GLY B 259 -5.07 15.96 6.19
N MSE B 260 -5.29 16.31 7.46
CA MSE B 260 -6.63 16.65 7.93
C MSE B 260 -7.21 17.92 7.38
O MSE B 260 -8.42 17.97 7.16
CB MSE B 260 -6.68 16.69 9.46
CG MSE B 260 -6.49 15.30 9.99
SE MSE B 260 -6.44 15.50 12.02
CE MSE B 260 -6.48 13.56 12.24
N THR B 261 -6.41 18.94 7.16
CA THR B 261 -6.85 20.25 6.67
C THR B 261 -6.86 20.35 5.11
N VAL B 262 -5.83 19.87 4.46
CA VAL B 262 -5.70 20.03 3.02
C VAL B 262 -6.35 18.85 2.26
N GLY B 263 -6.26 17.64 2.83
CA GLY B 263 -6.79 16.38 2.21
C GLY B 263 -8.21 16.55 1.78
N LYS B 264 -9.04 17.11 2.69
CA LYS B 264 -10.43 17.39 2.35
C LYS B 264 -10.73 18.54 1.39
N MSE B 265 -9.74 19.42 1.14
CA MSE B 265 -9.84 20.48 0.16
C MSE B 265 -9.55 19.95 -1.21
O MSE B 265 -10.27 20.24 -2.12
CB MSE B 265 -8.89 21.66 0.43
CG MSE B 265 -9.20 22.13 1.81
SE MSE B 265 -7.97 23.63 2.32
CE MSE B 265 -6.57 23.76 0.89
N VAL B 266 -8.54 19.10 -1.28
CA VAL B 266 -8.16 18.36 -2.49
C VAL B 266 -9.20 17.29 -2.89
N ILE B 267 -9.55 16.42 -1.97
CA ILE B 267 -10.60 15.42 -2.21
C ILE B 267 -11.90 15.96 -1.51
N ASP B 268 -12.70 16.70 -2.25
CA ASP B 268 -13.76 17.53 -1.65
C ASP B 268 -15.12 16.84 -1.84
N GLU B 269 -16.18 17.51 -1.52
CA GLU B 269 -17.50 16.87 -1.61
C GLU B 269 -17.96 16.53 -3.01
N SER B 270 -17.49 17.29 -3.99
CA SER B 270 -17.84 16.98 -5.35
C SER B 270 -17.24 15.62 -5.77
N VAL B 271 -16.08 15.28 -5.23
CA VAL B 271 -15.52 13.92 -5.50
C VAL B 271 -16.49 12.84 -5.01
N LYS B 272 -16.99 12.99 -3.78
CA LYS B 272 -17.96 12.08 -3.22
C LYS B 272 -19.24 12.00 -4.03
N GLU B 273 -19.71 13.15 -4.51
CA GLU B 273 -20.83 13.20 -5.37
C GLU B 273 -20.63 12.43 -6.67
N ARG B 274 -19.44 12.52 -7.23
CA ARG B 274 -19.13 11.79 -8.43
C ARG B 274 -18.92 10.28 -8.16
N MSE B 275 -18.48 9.90 -6.97
CA MSE B 275 -18.45 8.50 -6.57
C MSE B 275 -19.88 7.97 -6.51
O MSE B 275 -20.10 6.83 -6.91
CB MSE B 275 -17.86 8.29 -5.24
CG MSE B 275 -16.37 8.51 -5.25
SE MSE B 275 -15.70 8.10 -3.44
CE MSE B 275 -13.79 8.22 -3.86
N LYS B 276 -20.82 8.75 -5.99
CA LYS B 276 -22.25 8.34 -5.94
C LYS B 276 -22.80 8.11 -7.30
N LYS B 277 -22.46 8.97 -8.26
CA LYS B 277 -22.83 8.82 -9.59
C LYS B 277 -22.23 7.52 -10.20
N ALA B 278 -20.98 7.22 -9.87
CA ALA B 278 -20.40 6.03 -10.40
C ALA B 278 -21.13 4.77 -9.87
N LEU B 279 -21.50 4.81 -8.62
CA LEU B 279 -22.19 3.71 -7.96
C LEU B 279 -23.54 3.57 -8.61
N ASP B 280 -24.24 4.70 -8.84
CA ASP B 280 -25.49 4.64 -9.57
C ASP B 280 -25.37 3.96 -10.95
N ASN B 281 -24.34 4.28 -11.72
CA ASN B 281 -24.04 3.72 -12.98
C ASN B 281 -23.75 2.18 -12.98
N ILE B 282 -23.18 1.71 -11.89
CA ILE B 282 -22.96 0.27 -11.63
C ILE B 282 -24.31 -0.37 -11.36
N ARG B 283 -25.07 0.25 -10.44
CA ARG B 283 -26.34 -0.33 -9.97
C ARG B 283 -27.44 -0.36 -11.02
N SER B 284 -27.43 0.58 -11.94
CA SER B 284 -28.41 0.56 -13.03
C SER B 284 -28.11 -0.40 -14.14
N GLY B 285 -26.89 -0.97 -14.16
CA GLY B 285 -26.42 -1.76 -15.25
C GLY B 285 -25.70 -1.06 -16.37
N LYS B 286 -25.60 0.26 -16.28
CA LYS B 286 -25.04 1.06 -17.33
C LYS B 286 -23.56 0.77 -17.50
N PHE B 287 -22.86 0.66 -16.39
CA PHE B 287 -21.41 0.38 -16.48
C PHE B 287 -21.16 -0.96 -17.19
N ALA B 288 -21.83 -2.01 -16.72
CA ALA B 288 -21.64 -3.34 -17.35
C ALA B 288 -22.02 -3.38 -18.83
N GLU B 289 -23.10 -2.71 -19.23
CA GLU B 289 -23.45 -2.58 -20.64
C GLU B 289 -22.37 -1.91 -21.45
N LYS B 290 -21.85 -0.82 -20.92
CA LYS B 290 -20.82 -0.09 -21.62
C LYS B 290 -19.53 -0.83 -21.77
N TRP B 291 -19.10 -1.50 -20.71
CA TRP B 291 -17.91 -2.36 -20.77
C TRP B 291 -18.08 -3.55 -21.80
N VAL B 292 -19.17 -4.27 -21.69
CA VAL B 292 -19.40 -5.38 -22.60
C VAL B 292 -19.36 -4.86 -24.04
N GLU B 293 -19.96 -3.71 -24.27
CA GLU B 293 -19.89 -3.08 -25.61
C GLU B 293 -18.47 -2.72 -26.04
N GLU B 294 -17.69 -2.08 -25.17
CA GLU B 294 -16.27 -1.73 -25.44
C GLU B 294 -15.43 -2.97 -25.74
N TYR B 295 -15.56 -4.00 -24.90
CA TYR B 295 -14.85 -5.24 -25.08
C TYR B 295 -15.18 -5.79 -26.48
N GLY B 296 -16.46 -5.76 -26.82
CA GLY B 296 -16.94 -6.35 -28.12
C GLY B 296 -16.38 -5.64 -29.34
N LYS B 297 -15.90 -4.43 -29.14
CA LYS B 297 -15.26 -3.64 -30.17
C LYS B 297 -13.77 -3.68 -30.18
N GLY B 298 -13.14 -4.43 -29.29
CA GLY B 298 -11.71 -4.57 -29.22
C GLY B 298 -10.96 -3.97 -28.02
N ALA B 299 -11.68 -3.42 -27.03
CA ALA B 299 -11.06 -2.82 -25.80
C ALA B 299 -9.93 -1.81 -26.16
N ASN B 300 -10.23 -0.98 -27.16
CA ASN B 300 -9.22 0.04 -27.60
C ASN B 300 -8.87 1.11 -26.48
N THR B 301 -9.84 1.40 -25.62
CA THR B 301 -9.57 2.24 -24.44
C THR B 301 -8.44 1.69 -23.61
N ILE B 302 -8.44 0.37 -23.38
CA ILE B 302 -7.40 -0.22 -22.58
C ILE B 302 -6.06 -0.16 -23.27
N LYS B 303 -6.04 -0.52 -24.56
CA LYS B 303 -4.78 -0.47 -25.32
C LYS B 303 -4.12 0.92 -25.29
N GLU B 304 -4.88 1.97 -25.51
CA GLU B 304 -4.38 3.34 -25.51
C GLU B 304 -3.91 3.77 -24.13
N GLY B 305 -4.66 3.37 -23.10
CA GLY B 305 -4.29 3.75 -21.75
C GLY B 305 -3.06 3.03 -21.30
N MSE B 306 -2.90 1.74 -21.64
CA MSE B 306 -1.69 1.03 -21.26
C MSE B 306 -0.45 1.64 -21.96
O MSE B 306 0.62 1.75 -21.37
CB MSE B 306 -1.69 -0.45 -21.66
CG MSE B 306 -2.72 -1.23 -20.95
SE MSE B 306 -2.43 -1.32 -19.01
CE MSE B 306 -0.92 -2.60 -18.97
N LYS B 307 -0.59 2.01 -23.22
CA LYS B 307 0.51 2.70 -23.95
C LYS B 307 0.93 4.04 -23.32
N GLU B 308 -0.04 4.82 -22.92
CA GLU B 308 0.25 6.07 -22.24
C GLU B 308 0.99 5.81 -20.92
N VAL B 309 0.49 4.84 -20.14
CA VAL B 309 1.19 4.54 -18.86
C VAL B 309 2.64 4.08 -19.13
N ASP B 310 2.81 3.21 -20.10
CA ASP B 310 4.14 2.60 -20.43
C ASP B 310 5.16 3.62 -20.82
N ASN B 311 4.73 4.66 -21.50
CA ASN B 311 5.60 5.72 -22.02
C ASN B 311 5.61 7.00 -21.15
N SER B 312 5.00 6.97 -19.97
CA SER B 312 4.89 8.17 -19.14
C SER B 312 6.20 8.42 -18.42
N THR B 313 6.33 9.65 -17.99
CA THR B 313 7.48 10.07 -17.17
C THR B 313 7.57 9.35 -15.87
N GLU B 314 6.43 9.16 -15.24
CA GLU B 314 6.43 8.50 -13.97
C GLU B 314 6.90 7.09 -14.14
N GLU B 315 6.53 6.40 -15.23
CA GLU B 315 6.93 5.00 -15.34
C GLU B 315 8.47 4.85 -15.51
N LYS B 316 9.04 5.74 -16.28
CA LYS B 316 10.50 5.84 -16.50
C LYS B 316 11.27 6.10 -15.22
N VAL B 317 10.78 7.05 -14.46
CA VAL B 317 11.40 7.39 -13.18
C VAL B 317 11.31 6.24 -12.17
N GLY B 318 10.10 5.69 -12.03
CA GLY B 318 9.84 4.53 -11.20
C GLY B 318 10.76 3.38 -11.46
N ARG B 319 11.01 3.10 -12.70
CA ARG B 319 11.90 1.98 -12.95
C ARG B 319 13.29 2.18 -12.32
N SER B 320 13.82 3.40 -12.43
CA SER B 320 15.12 3.74 -11.95
C SER B 320 15.14 3.63 -10.45
N LEU B 321 14.11 4.11 -9.75
CA LEU B 321 14.15 4.02 -8.31
C LEU B 321 13.98 2.59 -7.82
N ARG B 322 13.19 1.78 -8.52
CA ARG B 322 13.13 0.34 -8.20
C ARG B 322 14.48 -0.41 -8.35
N ASP B 323 15.35 -0.02 -9.30
CA ASP B 323 16.70 -0.65 -9.34
C ASP B 323 17.47 -0.28 -8.07
N ILE B 324 17.32 0.97 -7.64
CA ILE B 324 18.00 1.47 -6.42
C ILE B 324 17.47 0.69 -5.21
N ILE B 325 16.16 0.54 -5.08
CA ILE B 325 15.63 -0.19 -3.90
C ILE B 325 16.11 -1.68 -3.88
N LEU B 326 15.98 -2.34 -5.06
CA LEU B 326 16.39 -3.75 -5.22
C LEU B 326 17.86 -3.93 -4.89
N ARG B 327 18.70 -2.97 -5.28
CA ARG B 327 20.16 -2.95 -5.06
C ARG B 327 20.47 -3.07 -3.56
N GLY B 328 19.70 -2.39 -2.71
CA GLY B 328 19.88 -2.54 -1.24
C GLY B 328 19.03 -3.59 -0.51
N LYS B 329 18.12 -4.27 -1.20
CA LYS B 329 17.26 -5.25 -0.57
C LYS B 329 18.13 -6.51 -0.42
N PRO B 330 18.21 -7.07 0.80
CA PRO B 330 19.19 -8.18 0.99
C PRO B 330 18.85 -9.49 0.26
S SO4 C . -11.21 -9.81 -17.24
O1 SO4 C . -11.38 -10.67 -15.94
O2 SO4 C . -11.83 -10.36 -18.53
O3 SO4 C . -12.00 -8.60 -16.86
O4 SO4 C . -9.63 -9.58 -17.40
S SO4 D . 9.39 9.33 25.89
O1 SO4 D . 9.84 7.94 25.69
O2 SO4 D . 7.91 9.27 25.83
O3 SO4 D . 10.00 10.23 24.88
O4 SO4 D . 9.78 9.81 27.23
S SO4 E . 18.09 25.79 0.17
O1 SO4 E . 17.21 24.78 0.71
O2 SO4 E . 19.52 25.38 0.32
O3 SO4 E . 17.74 25.94 -1.30
O4 SO4 E . 17.81 26.99 1.03
S SO4 F . 17.22 -5.08 17.21
O1 SO4 F . 15.76 -5.35 16.98
O2 SO4 F . 17.84 -6.27 17.85
O3 SO4 F . 17.92 -4.74 15.92
O4 SO4 F . 17.32 -3.94 18.17
MG MG G . -11.65 -7.59 -4.58
C1 EDO H . -17.04 5.87 8.65
O1 EDO H . -18.21 6.70 8.56
C2 EDO H . -15.85 6.65 8.14
O2 EDO H . -15.17 6.38 6.88
S SO4 I . -2.30 -19.78 -22.46
O1 SO4 I . -2.67 -20.34 -23.77
O2 SO4 I . -1.71 -20.88 -21.69
O3 SO4 I . -3.51 -19.28 -21.76
O4 SO4 I . -1.31 -18.66 -22.54
S SO4 J . 6.03 16.37 14.40
O1 SO4 J . 5.29 15.15 15.05
O2 SO4 J . 7.27 15.78 13.71
O3 SO4 J . 5.20 17.10 13.40
O4 SO4 J . 6.31 17.38 15.54
S SO4 K . -12.80 -31.62 8.06
O1 SO4 K . -12.87 -31.64 9.56
O2 SO4 K . -13.86 -32.52 7.53
O3 SO4 K . -12.99 -30.21 7.64
O4 SO4 K . -11.45 -32.05 7.61
MG MG L . 8.59 11.50 3.36
C1 EDO M . 3.28 10.39 -15.18
O1 EDO M . 2.32 10.60 -14.05
C2 EDO M . 3.94 11.49 -15.97
O2 EDO M . 3.28 12.03 -17.03
#